data_3QGM
#
_entry.id   3QGM
#
_cell.length_a   54.252
_cell.length_b   68.843
_cell.length_c   70.154
_cell.angle_alpha   74.990
_cell.angle_beta   87.330
_cell.angle_gamma   85.760
#
_symmetry.space_group_name_H-M   'P 1'
#
loop_
_entity.id
_entity.type
_entity.pdbx_description
1 polymer 'p-nitrophenyl phosphatase (Pho2)'
2 non-polymer 'CALCIUM ION'
3 non-polymer 1,2-ETHANEDIOL
4 water water
#
_entity_poly.entity_id   1
_entity_poly.type   'polypeptide(L)'
_entity_poly.pdbx_seq_one_letter_code
;SNA(MSE)(MSE)PDKKGYIIDIDGVIGKSVTPIPEGVEGVKKLKELGKKIIFVSNNSTRSRRILLERLRSFGLEVGEDE
ILVATYATARFIAREKPNAKVFTTGEEGLIEELRLAGLEIVDYDEAEYLVVGSNRKINFEL(MSE)TKALRACLRGIRYI
ATNPDRIFPAEDGPIPGTG(MSE)IIGALYW(MSE)TGREPDVVVGKPSEVI(MSE)REALDILGLDAKDVAVVGDQIDV
DVAAGKAIGAETVLVLTGVTTRENLDQ(MSE)IERHGLKPDYVFNSLKD(MSE)VEALEG
;
_entity_poly.pdbx_strand_id   A,B,C,D
#
loop_
_chem_comp.id
_chem_comp.type
_chem_comp.name
_chem_comp.formula
CA non-polymer 'CALCIUM ION' 'Ca 2'
EDO non-polymer 1,2-ETHANEDIOL 'C2 H6 O2'
#
# COMPACT_ATOMS: atom_id res chain seq x y z
N PRO A 6 41.73 -6.90 8.10
CA PRO A 6 40.34 -6.41 8.41
C PRO A 6 39.83 -6.84 9.81
N ASP A 7 40.77 -6.96 10.74
CA ASP A 7 40.52 -7.61 12.02
C ASP A 7 40.29 -6.61 13.15
N LYS A 8 39.07 -6.62 13.68
CA LYS A 8 38.67 -5.66 14.68
C LYS A 8 38.07 -6.32 15.89
N LYS A 9 38.02 -5.57 16.98
CA LYS A 9 37.29 -5.99 18.18
C LYS A 9 35.79 -6.03 17.92
N GLY A 10 35.29 -5.06 17.15
CA GLY A 10 33.86 -4.96 16.87
C GLY A 10 33.46 -4.60 15.45
N TYR A 11 32.20 -4.87 15.15
CA TYR A 11 31.64 -4.68 13.81
C TYR A 11 30.26 -4.02 13.94
N ILE A 12 30.09 -2.93 13.23
CA ILE A 12 28.80 -2.25 13.07
C ILE A 12 28.29 -2.76 11.74
N ILE A 13 27.22 -3.57 11.80
CA ILE A 13 26.73 -4.30 10.61
C ILE A 13 25.36 -3.80 10.16
N ASP A 14 25.32 -3.27 8.95
CA ASP A 14 24.04 -2.99 8.25
C ASP A 14 23.27 -4.33 8.10
N ILE A 15 21.96 -4.30 8.30
CA ILE A 15 21.13 -5.50 8.19
C ILE A 15 20.70 -5.71 6.72
N ASP A 16 19.95 -4.78 6.15
CA ASP A 16 19.40 -5.00 4.79
C ASP A 16 20.44 -4.92 3.69
N GLY A 17 20.54 -6.01 2.94
CA GLY A 17 21.52 -6.17 1.85
C GLY A 17 22.73 -6.93 2.35
N VAL A 18 22.77 -7.21 3.66
CA VAL A 18 23.94 -7.82 4.27
C VAL A 18 23.54 -9.13 4.93
N ILE A 19 22.54 -9.08 5.80
CA ILE A 19 22.09 -10.29 6.53
C ILE A 19 20.72 -10.80 6.07
N GLY A 20 19.88 -9.88 5.65
CA GLY A 20 18.64 -10.26 5.05
C GLY A 20 18.19 -9.25 4.04
N LYS A 21 17.19 -9.63 3.30
CA LYS A 21 16.46 -8.71 2.48
C LYS A 21 15.01 -8.79 2.94
N SER A 22 14.55 -7.75 3.62
CA SER A 22 13.22 -7.81 4.26
C SER A 22 13.20 -9.08 5.13
N VAL A 23 12.23 -9.96 4.97
CA VAL A 23 12.13 -11.13 5.83
C VAL A 23 12.93 -12.34 5.34
N THR A 24 13.67 -12.20 4.25
CA THR A 24 14.40 -13.30 3.71
C THR A 24 15.90 -13.22 4.04
N PRO A 25 16.46 -14.28 4.67
CA PRO A 25 17.87 -14.20 5.10
C PRO A 25 18.80 -14.33 3.90
N ILE A 26 19.94 -13.62 3.89
CA ILE A 26 21.01 -13.87 2.91
C ILE A 26 21.86 -14.93 3.59
N PRO A 27 21.86 -16.17 3.08
CA PRO A 27 22.50 -17.21 3.87
C PRO A 27 23.96 -16.91 4.16
N GLU A 28 24.68 -16.33 3.20
CA GLU A 28 26.10 -16.03 3.38
CA GLU A 28 26.11 -16.07 3.41
C GLU A 28 26.31 -14.95 4.43
N GLY A 29 25.35 -14.03 4.56
CA GLY A 29 25.34 -13.04 5.65
C GLY A 29 25.05 -13.62 7.03
N VAL A 30 24.06 -14.51 7.11
CA VAL A 30 23.77 -15.22 8.36
C VAL A 30 24.99 -16.02 8.81
N GLU A 31 25.54 -16.83 7.90
CA GLU A 31 26.72 -17.60 8.19
C GLU A 31 27.83 -16.69 8.76
N GLY A 32 28.07 -15.58 8.09
CA GLY A 32 29.13 -14.66 8.50
C GLY A 32 28.94 -14.14 9.89
N VAL A 33 27.70 -13.82 10.25
CA VAL A 33 27.44 -13.35 11.60
C VAL A 33 27.77 -14.43 12.58
N LYS A 34 27.28 -15.63 12.29
CA LYS A 34 27.52 -16.75 13.17
C LYS A 34 29.00 -17.01 13.36
N LYS A 35 29.78 -17.02 12.27
CA LYS A 35 31.23 -17.20 12.39
C LYS A 35 31.89 -16.08 13.19
N LEU A 36 31.37 -14.86 13.06
CA LEU A 36 31.87 -13.71 13.85
C LEU A 36 31.66 -13.83 15.37
N LYS A 37 30.46 -14.27 15.79
CA LYS A 37 30.13 -14.49 17.20
CA LYS A 37 30.18 -14.44 17.20
C LYS A 37 31.05 -15.56 17.76
N GLU A 38 31.18 -16.64 16.99
CA GLU A 38 32.06 -17.79 17.27
C GLU A 38 33.52 -17.38 17.48
N LEU A 39 33.99 -16.41 16.70
CA LEU A 39 35.33 -15.85 16.91
C LEU A 39 35.33 -14.83 18.04
N GLY A 40 34.20 -14.67 18.76
CA GLY A 40 34.13 -13.76 19.90
C GLY A 40 34.12 -12.28 19.57
N LYS A 41 33.85 -11.90 18.30
CA LYS A 41 33.79 -10.48 17.94
C LYS A 41 32.45 -9.95 18.41
N LYS A 42 32.46 -8.69 18.85
CA LYS A 42 31.26 -8.03 19.28
C LYS A 42 30.63 -7.42 18.03
N ILE A 43 29.30 -7.37 18.01
CA ILE A 43 28.57 -6.93 16.84
C ILE A 43 27.44 -6.05 17.29
N ILE A 44 27.17 -5.02 16.53
CA ILE A 44 25.93 -4.29 16.68
C ILE A 44 25.35 -4.10 15.29
N PHE A 45 24.09 -4.48 15.16
CA PHE A 45 23.36 -4.37 13.90
C PHE A 45 22.71 -2.97 13.84
N VAL A 46 22.94 -2.23 12.76
CA VAL A 46 22.47 -0.84 12.72
C VAL A 46 21.62 -0.66 11.47
N SER A 47 20.39 -0.17 11.63
CA SER A 47 19.48 -0.01 10.51
C SER A 47 18.79 1.32 10.54
N ASN A 48 18.59 1.90 9.34
CA ASN A 48 17.90 3.16 9.21
C ASN A 48 16.41 2.99 9.15
N ASN A 49 15.92 1.77 9.31
CA ASN A 49 14.48 1.50 9.29
C ASN A 49 13.74 2.56 10.07
N SER A 50 12.79 3.19 9.39
CA SER A 50 12.06 4.34 9.93
C SER A 50 10.71 3.99 10.59
N THR A 51 10.24 2.77 10.33
CA THR A 51 8.89 2.39 10.57
C THR A 51 8.70 1.22 11.54
N ARG A 52 9.70 0.40 11.77
CA ARG A 52 9.54 -0.75 12.65
C ARG A 52 10.31 -0.54 13.96
N SER A 53 9.72 -1.05 15.04
CA SER A 53 10.28 -0.91 16.38
C SER A 53 11.53 -1.78 16.48
N ARG A 54 12.36 -1.52 17.47
CA ARG A 54 13.56 -2.31 17.68
C ARG A 54 13.22 -3.77 17.81
N ARG A 55 12.19 -4.10 18.57
CA ARG A 55 11.95 -5.50 18.87
C ARG A 55 11.49 -6.26 17.66
N ILE A 56 10.80 -5.62 16.72
CA ILE A 56 10.49 -6.32 15.43
C ILE A 56 11.76 -6.80 14.72
N LEU A 57 12.73 -5.91 14.60
CA LEU A 57 14.00 -6.25 13.95
C LEU A 57 14.83 -7.25 14.75
N LEU A 58 14.78 -7.17 16.07
CA LEU A 58 15.34 -8.17 16.96
C LEU A 58 14.70 -9.51 16.64
N GLU A 59 13.37 -9.55 16.65
CA GLU A 59 12.68 -10.79 16.37
C GLU A 59 13.00 -11.29 14.96
N ARG A 60 13.12 -10.41 13.98
CA ARG A 60 13.51 -10.84 12.65
C ARG A 60 14.88 -11.51 12.60
N LEU A 61 15.90 -10.86 13.17
CA LEU A 61 17.23 -11.48 13.19
C LEU A 61 17.20 -12.87 13.84
N ARG A 62 16.47 -12.99 14.96
CA ARG A 62 16.31 -14.31 15.56
C ARG A 62 15.60 -15.30 14.64
N SER A 63 14.63 -14.87 13.85
CA SER A 63 13.97 -15.78 12.89
C SER A 63 14.97 -16.28 11.82
N PHE A 64 16.05 -15.54 11.58
CA PHE A 64 17.12 -15.98 10.67
C PHE A 64 18.05 -17.01 11.30
N GLY A 65 17.93 -17.19 12.61
CA GLY A 65 18.72 -18.20 13.29
C GLY A 65 19.85 -17.61 14.10
N LEU A 66 19.87 -16.28 14.24
CA LEU A 66 20.95 -15.62 14.93
C LEU A 66 20.56 -15.47 16.41
N GLU A 67 21.59 -15.56 17.24
CA GLU A 67 21.48 -15.37 18.66
C GLU A 67 21.84 -13.92 18.88
N VAL A 68 20.87 -13.12 19.32
CA VAL A 68 20.98 -11.66 19.32
C VAL A 68 20.21 -11.16 20.53
N GLY A 69 20.84 -10.32 21.33
CA GLY A 69 20.14 -9.59 22.41
C GLY A 69 19.69 -8.19 22.01
N GLU A 70 18.70 -7.67 22.72
CA GLU A 70 18.25 -6.27 22.66
C GLU A 70 19.37 -5.26 22.31
N ASP A 71 20.42 -5.29 23.09
CA ASP A 71 21.39 -4.20 23.00
CA ASP A 71 21.45 -4.24 23.04
C ASP A 71 22.29 -4.30 21.76
N GLU A 72 22.23 -5.43 21.07
CA GLU A 72 22.98 -5.60 19.84
C GLU A 72 22.24 -5.03 18.59
N ILE A 73 21.06 -4.42 18.76
CA ILE A 73 20.23 -3.88 17.66
CA ILE A 73 20.33 -3.88 17.62
C ILE A 73 20.06 -2.39 17.86
N LEU A 74 20.46 -1.58 16.87
CA LEU A 74 20.26 -0.16 16.91
C LEU A 74 19.52 0.24 15.64
N VAL A 75 18.23 0.54 15.78
CA VAL A 75 17.41 0.92 14.63
C VAL A 75 16.97 2.39 14.82
N ALA A 76 16.78 3.07 13.68
CA ALA A 76 16.62 4.49 13.68
C ALA A 76 15.42 4.90 14.50
N THR A 77 14.37 4.10 14.52
CA THR A 77 13.18 4.48 15.28
C THR A 77 13.55 4.58 16.78
N TYR A 78 14.20 3.53 17.26
CA TYR A 78 14.67 3.54 18.69
C TYR A 78 15.73 4.63 18.93
N ALA A 79 16.66 4.80 17.98
CA ALA A 79 17.78 5.69 18.22
C ALA A 79 17.17 7.07 18.35
N THR A 80 16.17 7.36 17.52
CA THR A 80 15.63 8.71 17.44
C THR A 80 14.90 9.05 18.73
N ALA A 81 14.10 8.08 19.21
CA ALA A 81 13.30 8.23 20.45
C ALA A 81 14.20 8.43 21.66
N ARG A 82 15.24 7.61 21.81
CA ARG A 82 16.17 7.76 22.92
C ARG A 82 17.02 9.05 22.87
N PHE A 83 17.43 9.46 21.67
CA PHE A 83 18.07 10.75 21.49
C PHE A 83 17.19 11.90 22.08
N ILE A 84 15.92 11.91 21.77
CA ILE A 84 15.06 12.96 22.26
C ILE A 84 14.89 12.91 23.79
N ALA A 85 14.63 11.72 24.27
CA ALA A 85 14.33 11.46 25.67
C ALA A 85 15.50 11.89 26.58
N ARG A 86 16.71 11.59 26.12
CA ARG A 86 17.92 12.03 26.83
C ARG A 86 18.03 13.54 26.87
N GLU A 87 17.73 14.15 25.75
CA GLU A 87 17.74 15.59 25.65
C GLU A 87 16.66 16.23 26.51
N LYS A 88 15.47 15.63 26.53
CA LYS A 88 14.34 16.22 27.20
C LYS A 88 13.36 15.16 27.66
N PRO A 89 13.57 14.67 28.89
CA PRO A 89 12.71 13.64 29.44
C PRO A 89 11.25 14.02 29.32
N ASN A 90 10.45 13.06 28.86
CA ASN A 90 9.01 13.24 28.65
C ASN A 90 8.68 14.37 27.71
N ALA A 91 9.54 14.63 26.75
CA ALA A 91 9.23 15.70 25.77
C ALA A 91 7.92 15.40 25.02
N LYS A 92 7.21 16.46 24.66
CA LYS A 92 5.99 16.39 23.88
C LYS A 92 6.40 16.43 22.39
N VAL A 93 6.01 15.39 21.67
CA VAL A 93 6.41 15.16 20.31
C VAL A 93 5.20 14.99 19.38
N PHE A 94 5.37 15.47 18.15
CA PHE A 94 4.47 15.21 17.02
C PHE A 94 5.33 14.56 15.95
N THR A 95 4.84 13.45 15.42
CA THR A 95 5.53 12.70 14.38
C THR A 95 4.69 12.50 13.10
N THR A 96 5.38 12.44 11.95
CA THR A 96 4.77 12.11 10.67
C THR A 96 4.81 10.57 10.46
N GLY A 97 5.41 9.86 11.41
CA GLY A 97 5.86 8.51 11.17
C GLY A 97 4.82 7.45 11.42
N GLU A 98 5.20 6.21 11.17
CA GLU A 98 4.29 5.08 11.28
C GLU A 98 4.26 4.48 12.72
N GLU A 99 3.52 3.41 12.90
CA GLU A 99 3.31 2.88 14.25
C GLU A 99 4.56 2.46 15.02
N GLY A 100 5.53 1.91 14.33
CA GLY A 100 6.74 1.49 14.96
C GLY A 100 7.58 2.63 15.48
N LEU A 101 7.53 3.79 14.81
CA LEU A 101 8.19 4.96 15.36
C LEU A 101 7.47 5.50 16.58
N ILE A 102 6.14 5.58 16.47
CA ILE A 102 5.30 6.05 17.57
C ILE A 102 5.55 5.16 18.79
N GLU A 103 5.59 3.85 18.56
CA GLU A 103 5.87 2.89 19.62
C GLU A 103 7.17 3.23 20.34
N GLU A 104 8.25 3.46 19.59
CA GLU A 104 9.56 3.69 20.21
C GLU A 104 9.54 5.03 20.91
N LEU A 105 8.84 5.99 20.33
CA LEU A 105 8.66 7.27 21.01
C LEU A 105 7.99 7.09 22.38
N ARG A 106 6.90 6.34 22.43
CA ARG A 106 6.20 6.06 23.70
C ARG A 106 7.05 5.22 24.62
N LEU A 107 7.73 4.24 24.06
CA LEU A 107 8.61 3.39 24.88
C LEU A 107 9.75 4.16 25.54
N ALA A 108 10.20 5.25 24.92
CA ALA A 108 11.22 6.10 25.54
C ALA A 108 10.66 7.10 26.53
N GLY A 109 9.36 7.01 26.84
CA GLY A 109 8.76 7.94 27.84
C GLY A 109 8.27 9.27 27.25
N LEU A 110 8.31 9.43 25.92
CA LEU A 110 7.85 10.67 25.30
C LEU A 110 6.31 10.74 25.23
N GLU A 111 5.78 11.94 25.12
CA GLU A 111 4.34 12.15 25.08
C GLU A 111 3.93 12.60 23.68
N ILE A 112 3.03 11.85 23.05
CA ILE A 112 2.56 12.13 21.71
C ILE A 112 1.45 13.16 21.73
N VAL A 113 1.67 14.31 21.11
CA VAL A 113 0.67 15.36 21.15
C VAL A 113 0.35 15.90 19.75
N ASP A 114 -0.57 16.85 19.71
CA ASP A 114 -0.95 17.49 18.45
C ASP A 114 0.21 18.35 17.99
N TYR A 115 0.22 18.65 16.69
CA TYR A 115 1.32 19.38 16.07
C TYR A 115 1.53 20.76 16.68
N ASP A 116 0.46 21.40 17.16
CA ASP A 116 0.54 22.73 17.76
C ASP A 116 0.92 22.73 19.22
N GLU A 117 1.03 21.56 19.84
CA GLU A 117 1.48 21.48 21.24
C GLU A 117 2.89 20.93 21.33
N ALA A 118 3.38 20.32 20.24
CA ALA A 118 4.68 19.64 20.27
C ALA A 118 5.83 20.57 20.59
N GLU A 119 6.81 20.07 21.34
CA GLU A 119 8.13 20.67 21.43
C GLU A 119 9.10 20.09 20.38
N TYR A 120 8.82 18.88 19.88
CA TYR A 120 9.64 18.27 18.86
C TYR A 120 8.79 17.84 17.68
N LEU A 121 9.31 18.11 16.48
CA LEU A 121 8.83 17.52 15.26
C LEU A 121 9.73 16.35 14.91
N VAL A 122 9.15 15.17 14.76
CA VAL A 122 9.86 13.94 14.47
C VAL A 122 9.38 13.41 13.10
N VAL A 123 10.27 13.45 12.13
CA VAL A 123 9.92 13.12 10.77
C VAL A 123 10.41 11.73 10.51
N GLY A 124 9.51 10.82 10.21
CA GLY A 124 9.85 9.50 9.72
C GLY A 124 8.90 9.20 8.53
N SER A 125 9.32 8.28 7.67
CA SER A 125 8.51 7.86 6.55
CA SER A 125 8.50 7.89 6.53
C SER A 125 7.15 7.36 6.98
N ASN A 126 6.15 7.57 6.14
CA ASN A 126 4.80 7.06 6.37
C ASN A 126 4.07 6.70 5.06
N ARG A 127 3.74 5.42 4.92
CA ARG A 127 3.05 4.91 3.76
CA ARG A 127 3.05 4.93 3.74
C ARG A 127 1.62 5.49 3.71
N LYS A 128 1.15 6.04 4.83
CA LYS A 128 -0.14 6.68 4.94
C LYS A 128 -0.03 8.20 4.93
N ILE A 129 1.10 8.71 4.42
CA ILE A 129 1.30 10.16 4.34
C ILE A 129 0.18 10.74 3.48
N ASN A 130 -0.32 11.90 3.89
CA ASN A 130 -1.40 12.56 3.16
C ASN A 130 -1.35 14.06 3.33
N PHE A 131 -2.27 14.78 2.72
CA PHE A 131 -2.21 16.26 2.77
C PHE A 131 -2.32 16.78 4.21
N GLU A 132 -3.22 16.19 4.98
CA GLU A 132 -3.46 16.65 6.36
C GLU A 132 -2.19 16.47 7.17
N LEU A 133 -1.57 15.29 7.08
CA LEU A 133 -0.34 15.08 7.84
C LEU A 133 0.80 16.01 7.36
N MSE A 134 0.88 16.28 6.06
CA MSE A 134 1.90 17.22 5.58
CA MSE A 134 1.88 17.23 5.55
C MSE A 134 1.62 18.65 6.04
O MSE A 134 2.54 19.40 6.32
CB MSE A 134 2.08 17.17 4.06
CB MSE A 134 1.97 17.19 4.02
CG MSE A 134 3.24 18.04 3.62
CG MSE A 134 2.66 15.97 3.49
SE MSE A 134 4.95 17.21 3.95
SE MSE A 134 4.42 15.72 4.19
CE MSE A 134 4.74 15.79 2.62
CE MSE A 134 5.10 17.54 4.05
N THR A 135 0.35 19.02 6.11
CA THR A 135 -0.04 20.32 6.65
C THR A 135 0.44 20.45 8.07
N LYS A 136 0.22 19.40 8.86
CA LYS A 136 0.62 19.47 10.27
C LYS A 136 2.13 19.64 10.44
N ALA A 137 2.89 18.90 9.64
CA ALA A 137 4.37 18.95 9.64
C ALA A 137 4.81 20.33 9.24
N LEU A 138 4.25 20.82 8.13
CA LEU A 138 4.49 22.18 7.69
C LEU A 138 4.27 23.19 8.87
N ARG A 139 3.12 23.10 9.51
CA ARG A 139 2.84 24.07 10.57
C ARG A 139 3.81 23.92 11.73
N ALA A 140 4.14 22.69 12.11
CA ALA A 140 5.15 22.45 13.16
C ALA A 140 6.53 23.02 12.82
N CYS A 141 6.89 22.85 11.56
CA CYS A 141 8.18 23.27 11.10
C CYS A 141 8.27 24.83 11.11
N LEU A 142 7.21 25.49 10.66
CA LEU A 142 7.07 26.95 10.67
C LEU A 142 6.98 27.53 12.11
N ARG A 143 6.46 26.78 13.07
CA ARG A 143 6.52 27.23 14.47
C ARG A 143 7.95 27.27 14.99
N GLY A 144 8.85 26.54 14.35
CA GLY A 144 10.27 26.64 14.67
C GLY A 144 10.72 25.71 15.77
N ILE A 145 9.87 24.74 16.11
CA ILE A 145 10.24 23.71 17.08
C ILE A 145 11.37 22.83 16.57
N ARG A 146 12.05 22.21 17.51
CA ARG A 146 13.21 21.39 17.24
C ARG A 146 12.76 20.24 16.35
N TYR A 147 13.58 19.90 15.37
CA TYR A 147 13.16 19.11 14.25
C TYR A 147 14.17 17.98 14.07
N ILE A 148 13.70 16.76 14.33
CA ILE A 148 14.52 15.59 14.19
C ILE A 148 13.99 14.68 13.08
N ALA A 149 14.90 14.12 12.31
CA ALA A 149 14.51 13.12 11.32
C ALA A 149 15.19 11.79 11.66
N THR A 150 14.45 10.71 11.47
CA THR A 150 14.91 9.38 11.74
C THR A 150 16.08 8.98 10.85
N ASN A 151 15.96 9.33 9.58
CA ASN A 151 16.96 8.93 8.60
C ASN A 151 16.84 9.84 7.35
N PRO A 152 17.92 9.96 6.55
CA PRO A 152 17.85 10.86 5.37
C PRO A 152 17.47 10.23 4.05
N ASP A 153 17.29 8.91 4.01
CA ASP A 153 17.24 8.17 2.77
C ASP A 153 16.11 8.72 1.87
N ARG A 154 16.44 9.00 0.62
CA ARG A 154 15.52 9.62 -0.30
C ARG A 154 14.53 8.66 -0.93
N ILE A 155 15.03 7.52 -1.43
CA ILE A 155 14.27 6.55 -2.22
C ILE A 155 14.59 5.13 -1.76
N PHE A 156 13.58 4.28 -1.58
CA PHE A 156 13.79 2.86 -1.24
C PHE A 156 13.55 1.99 -2.48
N PRO A 157 14.52 1.13 -2.85
CA PRO A 157 14.38 0.28 -4.04
C PRO A 157 13.47 -0.91 -3.78
N ALA A 158 12.13 -0.75 -3.88
CA ALA A 158 11.22 -1.83 -3.53
C ALA A 158 10.91 -2.83 -4.65
N GLU A 159 10.20 -3.87 -4.21
CA GLU A 159 9.72 -4.95 -5.08
CA GLU A 159 9.73 -4.94 -5.09
C GLU A 159 9.40 -4.46 -6.48
N ASP A 160 8.41 -3.58 -6.59
CA ASP A 160 7.89 -3.16 -7.88
C ASP A 160 8.55 -1.90 -8.45
N GLY A 161 9.64 -1.43 -7.84
CA GLY A 161 10.24 -0.17 -8.24
C GLY A 161 10.53 0.78 -7.09
N PRO A 162 11.10 1.95 -7.42
CA PRO A 162 11.48 2.86 -6.39
C PRO A 162 10.26 3.46 -5.69
N ILE A 163 10.39 3.68 -4.39
CA ILE A 163 9.36 4.40 -3.61
CA ILE A 163 9.38 4.29 -3.52
C ILE A 163 10.00 5.47 -2.72
N PRO A 164 9.19 6.49 -2.31
CA PRO A 164 9.78 7.56 -1.49
C PRO A 164 10.25 7.02 -0.13
N GLY A 165 11.34 7.55 0.38
CA GLY A 165 11.76 7.28 1.76
C GLY A 165 11.52 8.54 2.56
N THR A 166 12.10 8.61 3.73
CA THR A 166 11.88 9.67 4.67
C THR A 166 12.34 11.02 4.11
N GLY A 167 13.32 10.98 3.22
CA GLY A 167 13.85 12.20 2.60
C GLY A 167 12.81 12.94 1.78
N MSE A 168 11.76 12.24 1.39
CA MSE A 168 10.69 12.91 0.74
C MSE A 168 10.06 14.01 1.60
O MSE A 168 9.77 15.12 1.09
CB MSE A 168 9.62 11.94 0.30
CG MSE A 168 8.72 12.62 -0.67
SE MSE A 168 7.21 13.22 0.31
CE MSE A 168 6.36 11.50 -0.11
N ILE A 169 9.82 13.68 2.87
CA ILE A 169 9.19 14.61 3.79
C ILE A 169 10.22 15.71 4.10
N ILE A 170 11.49 15.33 4.29
CA ILE A 170 12.53 16.33 4.48
C ILE A 170 12.62 17.34 3.36
N GLY A 171 12.59 16.84 2.14
CA GLY A 171 12.67 17.67 0.98
C GLY A 171 11.47 18.58 0.82
N ALA A 172 10.29 18.04 1.09
CA ALA A 172 9.06 18.87 1.05
C ALA A 172 9.16 20.04 2.04
N LEU A 173 9.53 19.75 3.28
CA LEU A 173 9.61 20.76 4.33
C LEU A 173 10.69 21.78 4.04
N TYR A 174 11.84 21.32 3.55
CA TYR A 174 12.93 22.19 3.13
C TYR A 174 12.48 23.15 2.02
N TRP A 175 11.83 22.62 1.01
CA TRP A 175 11.44 23.47 -0.08
C TRP A 175 10.45 24.55 0.33
N MSE A 176 9.52 24.20 1.22
CA MSE A 176 8.47 25.10 1.59
C MSE A 176 8.93 26.11 2.65
O MSE A 176 8.41 27.21 2.68
CB MSE A 176 7.26 24.29 2.13
CG MSE A 176 6.55 23.47 1.03
SE MSE A 176 4.90 22.79 1.75
CE MSE A 176 5.61 21.50 3.03
N THR A 177 9.84 25.73 3.53
CA THR A 177 10.14 26.53 4.74
C THR A 177 11.57 26.99 4.83
N GLY A 178 12.48 26.36 4.06
CA GLY A 178 13.91 26.62 4.20
C GLY A 178 14.57 25.85 5.33
N ARG A 179 13.84 25.11 6.15
CA ARG A 179 14.48 24.33 7.25
C ARG A 179 14.85 22.93 6.82
N GLU A 180 16.09 22.54 7.10
CA GLU A 180 16.45 21.14 7.14
C GLU A 180 16.29 20.65 8.56
N PRO A 181 16.35 19.33 8.75
CA PRO A 181 16.29 18.90 10.16
C PRO A 181 17.42 19.46 11.01
N ASP A 182 17.12 19.75 12.28
CA ASP A 182 18.18 20.12 13.26
C ASP A 182 19.16 18.95 13.47
N VAL A 183 18.61 17.73 13.44
CA VAL A 183 19.37 16.52 13.68
C VAL A 183 18.80 15.44 12.77
N VAL A 184 19.66 14.80 12.00
CA VAL A 184 19.32 13.56 11.32
C VAL A 184 20.01 12.43 12.13
N VAL A 185 19.24 11.42 12.53
CA VAL A 185 19.75 10.33 13.39
C VAL A 185 20.46 9.25 12.57
N GLY A 186 19.83 8.80 11.49
CA GLY A 186 20.27 7.59 10.78
C GLY A 186 21.55 7.77 9.99
N LYS A 187 22.10 6.67 9.48
CA LYS A 187 23.24 6.72 8.60
C LYS A 187 23.01 7.60 7.36
N PRO A 188 24.01 8.41 6.98
CA PRO A 188 25.39 8.41 7.54
C PRO A 188 25.66 9.34 8.74
N SER A 189 24.60 9.87 9.33
CA SER A 189 24.79 10.73 10.49
C SER A 189 25.66 10.09 11.59
N GLU A 190 26.46 10.93 12.26
CA GLU A 190 27.31 10.47 13.36
C GLU A 190 26.49 10.17 14.58
N VAL A 191 25.28 10.72 14.64
CA VAL A 191 24.40 10.45 15.77
C VAL A 191 24.19 8.94 16.01
N ILE A 192 23.65 8.18 15.04
CA ILE A 192 23.43 6.74 15.28
C ILE A 192 24.79 5.99 15.45
N MSE A 193 25.79 6.44 14.73
CA MSE A 193 27.11 5.82 14.76
C MSE A 193 27.84 5.95 16.13
O MSE A 193 28.42 4.96 16.63
CB MSE A 193 27.95 6.36 13.59
CG MSE A 193 27.31 6.00 12.22
SE MSE A 193 26.91 4.08 11.91
CE MSE A 193 28.71 3.36 11.61
N ARG A 194 27.78 7.12 16.75
CA ARG A 194 28.37 7.33 18.04
C ARG A 194 27.56 6.56 19.09
N GLU A 195 26.26 6.40 18.88
CA GLU A 195 25.49 5.59 19.82
C GLU A 195 25.96 4.14 19.75
N ALA A 196 26.25 3.67 18.53
CA ALA A 196 26.65 2.27 18.34
C ALA A 196 28.01 1.97 18.97
N LEU A 197 28.95 2.91 18.80
CA LEU A 197 30.26 2.87 19.50
C LEU A 197 30.15 2.81 21.04
N ASP A 198 29.34 3.70 21.60
CA ASP A 198 29.03 3.75 23.01
C ASP A 198 28.47 2.40 23.49
N ILE A 199 27.50 1.86 22.74
CA ILE A 199 26.95 0.55 23.06
C ILE A 199 28.06 -0.50 23.01
N LEU A 200 28.86 -0.49 21.95
CA LEU A 200 29.93 -1.48 21.81
C LEU A 200 30.96 -1.31 22.93
N GLY A 201 31.10 -0.09 23.44
CA GLY A 201 32.18 0.27 24.37
C GLY A 201 33.52 0.20 23.64
N LEU A 202 33.53 0.63 22.37
CA LEU A 202 34.77 0.54 21.58
C LEU A 202 35.06 1.86 20.92
N ASP A 203 36.34 2.15 20.76
CA ASP A 203 36.80 3.25 19.95
C ASP A 203 36.69 2.84 18.48
N ALA A 204 36.49 3.83 17.63
CA ALA A 204 36.32 3.60 16.20
C ALA A 204 37.49 2.82 15.65
N LYS A 205 38.68 3.03 16.20
CA LYS A 205 39.90 2.42 15.66
C LYS A 205 39.84 0.90 15.74
N ASP A 206 39.02 0.39 16.66
CA ASP A 206 38.83 -1.04 16.84
C ASP A 206 37.52 -1.53 16.26
N VAL A 207 36.90 -0.74 15.38
CA VAL A 207 35.63 -1.14 14.79
C VAL A 207 35.67 -1.03 13.25
N ALA A 208 34.98 -1.96 12.58
CA ALA A 208 34.74 -1.82 11.14
C ALA A 208 33.23 -1.73 10.88
N VAL A 209 32.86 -0.92 9.89
CA VAL A 209 31.46 -0.65 9.56
C VAL A 209 31.19 -1.38 8.24
N VAL A 210 30.23 -2.29 8.24
CA VAL A 210 30.01 -3.17 7.09
C VAL A 210 28.63 -2.85 6.57
N GLY A 211 28.52 -2.80 5.24
CA GLY A 211 27.29 -2.48 4.59
C GLY A 211 27.32 -2.65 3.09
N ASP A 212 26.18 -2.35 2.48
CA ASP A 212 25.98 -2.58 1.05
C ASP A 212 25.87 -1.31 0.26
N GLN A 213 25.90 -0.15 0.92
CA GLN A 213 25.79 1.16 0.26
C GLN A 213 26.96 2.11 0.60
N ILE A 214 27.62 2.58 -0.45
CA ILE A 214 28.78 3.48 -0.29
C ILE A 214 28.36 4.78 0.34
N ASP A 215 27.29 5.35 -0.18
CA ASP A 215 26.78 6.64 0.33
C ASP A 215 26.05 6.56 1.65
N VAL A 216 25.81 5.36 2.16
CA VAL A 216 25.20 5.24 3.47
C VAL A 216 26.22 4.65 4.45
N ASP A 217 26.61 3.43 4.17
CA ASP A 217 27.42 2.66 5.11
C ASP A 217 28.88 3.09 5.10
N VAL A 218 29.45 3.24 3.91
CA VAL A 218 30.85 3.73 3.84
C VAL A 218 30.96 5.16 4.32
N ALA A 219 29.98 6.00 4.00
CA ALA A 219 30.03 7.41 4.49
C ALA A 219 29.94 7.43 6.01
N ALA A 220 29.13 6.54 6.55
CA ALA A 220 28.92 6.47 7.98
C ALA A 220 30.26 6.13 8.69
N GLY A 221 31.00 5.16 8.15
CA GLY A 221 32.28 4.76 8.69
C GLY A 221 33.38 5.84 8.63
N LYS A 222 33.47 6.55 7.52
CA LYS A 222 34.46 7.62 7.41
C LYS A 222 34.22 8.70 8.47
N ALA A 223 32.96 9.00 8.73
CA ALA A 223 32.63 10.09 9.61
C ALA A 223 33.01 9.82 11.06
N ILE A 224 32.99 8.56 11.51
CA ILE A 224 33.44 8.25 12.88
C ILE A 224 34.90 7.75 12.91
N GLY A 225 35.56 7.75 11.75
CA GLY A 225 36.95 7.32 11.68
C GLY A 225 37.12 5.82 11.87
N ALA A 226 36.12 5.04 11.45
CA ALA A 226 36.22 3.58 11.46
C ALA A 226 36.45 3.05 10.06
N GLU A 227 37.21 1.97 9.96
CA GLU A 227 37.46 1.30 8.68
C GLU A 227 36.15 0.78 8.14
N THR A 228 36.05 0.75 6.83
CA THR A 228 34.81 0.46 6.15
C THR A 228 34.99 -0.75 5.24
N VAL A 229 33.94 -1.56 5.21
CA VAL A 229 33.86 -2.78 4.40
C VAL A 229 32.58 -2.75 3.59
N LEU A 230 32.70 -2.87 2.29
CA LEU A 230 31.53 -2.96 1.43
C LEU A 230 31.34 -4.41 0.99
N VAL A 231 30.12 -4.89 1.12
CA VAL A 231 29.78 -6.21 0.60
C VAL A 231 28.87 -6.05 -0.59
N LEU A 232 28.82 -7.09 -1.39
CA LEU A 232 28.17 -7.04 -2.69
C LEU A 232 26.90 -7.93 -2.75
N THR A 233 26.35 -8.25 -1.59
CA THR A 233 25.09 -9.01 -1.50
C THR A 233 23.83 -8.15 -1.61
N GLY A 234 23.95 -6.82 -1.72
CA GLY A 234 22.80 -5.92 -1.70
C GLY A 234 22.87 -4.89 -2.80
N VAL A 235 22.65 -3.61 -2.48
CA VAL A 235 22.56 -2.53 -3.48
C VAL A 235 23.84 -2.43 -4.41
N THR A 236 25.03 -2.67 -3.87
CA THR A 236 26.23 -2.55 -4.67
C THR A 236 26.60 -3.90 -5.22
N THR A 237 26.87 -3.96 -6.52
CA THR A 237 27.20 -5.24 -7.15
C THR A 237 28.59 -5.14 -7.79
N ARG A 238 29.10 -6.28 -8.23
CA ARG A 238 30.39 -6.28 -8.95
C ARG A 238 30.32 -5.33 -10.18
N GLU A 239 29.16 -5.32 -10.84
CA GLU A 239 28.92 -4.54 -12.09
C GLU A 239 28.72 -3.05 -11.86
N ASN A 240 28.26 -2.63 -10.68
CA ASN A 240 28.07 -1.20 -10.46
C ASN A 240 29.07 -0.54 -9.48
N LEU A 241 29.99 -1.33 -8.94
CA LEU A 241 30.91 -0.86 -7.90
C LEU A 241 31.69 0.39 -8.34
N ASP A 242 32.32 0.32 -9.51
CA ASP A 242 33.10 1.48 -10.02
C ASP A 242 32.22 2.70 -10.15
N GLN A 243 31.01 2.47 -10.62
CA GLN A 243 30.05 3.53 -10.84
CA GLN A 243 30.02 3.51 -10.83
C GLN A 243 29.63 4.17 -9.51
N MSE A 244 29.41 3.34 -8.49
CA MSE A 244 29.05 3.83 -7.17
C MSE A 244 30.19 4.61 -6.50
O MSE A 244 29.97 5.66 -5.88
CB MSE A 244 28.63 2.65 -6.30
CG MSE A 244 27.29 2.02 -6.70
SE MSE A 244 25.81 3.31 -6.78
CE MSE A 244 24.37 2.03 -7.15
N ILE A 245 31.42 4.08 -6.63
CA ILE A 245 32.61 4.79 -6.13
C ILE A 245 32.67 6.21 -6.76
N GLU A 246 32.49 6.29 -8.08
CA GLU A 246 32.55 7.60 -8.80
C GLU A 246 31.37 8.45 -8.37
N ARG A 247 30.18 7.89 -8.45
CA ARG A 247 28.95 8.56 -8.04
C ARG A 247 29.08 9.23 -6.65
N HIS A 248 29.57 8.49 -5.66
CA HIS A 248 29.52 9.00 -4.30
C HIS A 248 30.84 9.65 -3.84
N GLY A 249 31.91 9.47 -4.62
CA GLY A 249 33.22 10.06 -4.29
C GLY A 249 33.81 9.52 -2.99
N LEU A 250 33.47 8.26 -2.67
CA LEU A 250 34.01 7.52 -1.52
C LEU A 250 34.47 6.11 -1.95
N LYS A 251 35.50 5.62 -1.29
CA LYS A 251 35.98 4.26 -1.47
C LYS A 251 35.95 3.58 -0.13
N PRO A 252 35.50 2.31 -0.11
CA PRO A 252 35.63 1.50 1.11
C PRO A 252 37.08 1.05 1.30
N ASP A 253 37.48 0.75 2.52
CA ASP A 253 38.78 0.13 2.77
C ASP A 253 38.88 -1.30 2.20
N TYR A 254 37.76 -2.04 2.22
CA TYR A 254 37.70 -3.41 1.71
C TYR A 254 36.38 -3.68 0.94
N VAL A 255 36.44 -4.54 -0.06
CA VAL A 255 35.25 -5.02 -0.75
C VAL A 255 35.24 -6.54 -0.70
N PHE A 256 34.11 -7.13 -0.33
CA PHE A 256 33.94 -8.57 -0.31
C PHE A 256 32.61 -8.90 -0.94
N ASN A 257 32.50 -10.08 -1.51
CA ASN A 257 31.27 -10.53 -2.11
C ASN A 257 30.16 -10.58 -1.05
N SER A 258 30.47 -11.15 0.10
CA SER A 258 29.52 -11.25 1.19
C SER A 258 30.23 -11.20 2.53
N LEU A 259 29.46 -11.10 3.61
CA LEU A 259 30.05 -11.07 4.94
C LEU A 259 30.84 -12.37 5.25
N LYS A 260 30.32 -13.49 4.75
CA LYS A 260 31.01 -14.78 4.89
C LYS A 260 32.44 -14.64 4.40
N ASP A 261 32.59 -14.11 3.20
CA ASP A 261 33.92 -13.95 2.61
C ASP A 261 34.81 -13.00 3.42
N MSE A 262 34.23 -11.92 3.95
CA MSE A 262 34.96 -10.99 4.79
C MSE A 262 35.53 -11.78 5.96
O MSE A 262 36.71 -11.60 6.35
CB MSE A 262 34.08 -9.91 5.37
CG MSE A 262 34.85 -8.91 6.29
SE MSE A 262 33.80 -7.79 7.46
CE MSE A 262 33.74 -9.04 8.95
N VAL A 263 34.68 -12.61 6.54
CA VAL A 263 35.09 -13.36 7.74
C VAL A 263 36.14 -14.43 7.39
N GLU A 264 36.05 -15.05 6.22
CA GLU A 264 37.07 -16.03 5.80
C GLU A 264 38.46 -15.38 5.69
N ALA A 265 38.51 -14.07 5.45
CA ALA A 265 39.78 -13.32 5.39
C ALA A 265 40.39 -12.95 6.76
N LEU A 266 39.76 -13.32 7.89
CA LEU A 266 40.38 -13.03 9.22
C LEU A 266 41.27 -14.17 9.75
N PRO B 6 0.43 55.67 -16.60
CA PRO B 6 -0.15 54.35 -16.26
C PRO B 6 -1.11 53.73 -17.32
N ASP B 7 -1.49 54.51 -18.34
CA ASP B 7 -2.46 54.08 -19.38
C ASP B 7 -1.82 53.08 -20.33
N LYS B 8 -2.59 52.13 -20.81
CA LYS B 8 -2.07 50.98 -21.54
C LYS B 8 -3.15 50.41 -22.44
N LYS B 9 -2.79 49.59 -23.43
CA LYS B 9 -3.79 48.87 -24.24
C LYS B 9 -4.41 47.66 -23.53
N GLY B 10 -3.66 47.04 -22.62
CA GLY B 10 -4.09 45.80 -21.97
C GLY B 10 -3.58 45.69 -20.55
N TYR B 11 -4.22 44.81 -19.79
CA TYR B 11 -3.97 44.64 -18.36
C TYR B 11 -3.99 43.17 -18.11
N ILE B 12 -2.91 42.69 -17.51
CA ILE B 12 -2.89 41.33 -16.99
C ILE B 12 -3.19 41.50 -15.50
N ILE B 13 -4.36 41.04 -15.09
CA ILE B 13 -4.88 41.32 -13.73
C ILE B 13 -5.00 40.00 -12.95
N ASP B 14 -4.20 39.89 -11.91
CA ASP B 14 -4.35 38.86 -10.85
C ASP B 14 -5.82 38.87 -10.32
N ILE B 15 -6.37 37.71 -10.02
CA ILE B 15 -7.72 37.61 -9.54
C ILE B 15 -7.76 37.70 -8.03
N ASP B 16 -7.12 36.74 -7.38
CA ASP B 16 -7.22 36.68 -5.92
CA ASP B 16 -7.24 36.69 -5.91
C ASP B 16 -6.45 37.80 -5.21
N GLY B 17 -7.15 38.54 -4.34
CA GLY B 17 -6.59 39.74 -3.70
C GLY B 17 -6.76 41.05 -4.50
N VAL B 18 -7.33 40.98 -5.68
CA VAL B 18 -7.51 42.16 -6.50
C VAL B 18 -9.02 42.28 -6.80
N ILE B 19 -9.57 41.23 -7.37
CA ILE B 19 -10.96 41.19 -7.75
C ILE B 19 -11.81 40.43 -6.73
N GLY B 20 -11.27 39.38 -6.15
CA GLY B 20 -12.05 38.58 -5.22
C GLY B 20 -11.13 38.00 -4.22
N LYS B 21 -11.69 37.44 -3.14
CA LYS B 21 -10.95 36.55 -2.24
C LYS B 21 -11.71 35.25 -2.25
N SER B 22 -11.17 34.26 -2.97
CA SER B 22 -11.87 33.00 -3.20
C SER B 22 -13.24 33.42 -3.76
N VAL B 23 -14.33 32.86 -3.24
CA VAL B 23 -15.64 33.12 -3.77
C VAL B 23 -16.18 34.50 -3.42
N THR B 24 -15.50 35.26 -2.56
CA THR B 24 -16.03 36.57 -2.13
C THR B 24 -15.48 37.76 -2.92
N PRO B 25 -16.37 38.60 -3.47
CA PRO B 25 -15.92 39.73 -4.27
C PRO B 25 -15.26 40.83 -3.47
N ILE B 26 -14.30 41.51 -4.11
CA ILE B 26 -13.70 42.75 -3.63
C ILE B 26 -14.33 43.90 -4.44
N PRO B 27 -15.29 44.65 -3.83
CA PRO B 27 -16.11 45.62 -4.59
C PRO B 27 -15.28 46.67 -5.34
N GLU B 28 -14.20 47.15 -4.75
CA GLU B 28 -13.34 48.08 -5.44
CA GLU B 28 -13.31 48.09 -5.42
C GLU B 28 -12.68 47.40 -6.65
N GLY B 29 -12.42 46.10 -6.52
CA GLY B 29 -11.83 45.32 -7.60
C GLY B 29 -12.81 45.19 -8.75
N VAL B 30 -14.02 44.71 -8.41
CA VAL B 30 -15.10 44.57 -9.38
C VAL B 30 -15.39 45.89 -10.13
N GLU B 31 -15.49 46.97 -9.37
CA GLU B 31 -15.78 48.30 -9.96
C GLU B 31 -14.62 48.75 -10.85
N GLY B 32 -13.38 48.52 -10.41
CA GLY B 32 -12.21 48.75 -11.29
C GLY B 32 -12.30 48.04 -12.62
N VAL B 33 -12.66 46.76 -12.62
CA VAL B 33 -12.79 46.05 -13.89
C VAL B 33 -13.86 46.73 -14.71
N LYS B 34 -14.99 47.02 -14.11
CA LYS B 34 -16.08 47.64 -14.86
C LYS B 34 -15.63 48.91 -15.58
N LYS B 35 -14.89 49.77 -14.91
CA LYS B 35 -14.38 51.01 -15.51
C LYS B 35 -13.31 50.78 -16.59
N LEU B 36 -12.50 49.72 -16.43
CA LEU B 36 -11.48 49.43 -17.45
C LEU B 36 -12.14 49.05 -18.75
N LYS B 37 -13.17 48.22 -18.69
CA LYS B 37 -13.89 47.81 -19.89
C LYS B 37 -14.58 49.01 -20.55
N GLU B 38 -15.19 49.87 -19.73
CA GLU B 38 -15.82 51.14 -20.14
CA GLU B 38 -15.84 51.08 -20.23
C GLU B 38 -14.83 51.98 -20.95
N LEU B 39 -13.56 51.92 -20.57
CA LEU B 39 -12.52 52.68 -21.25
C LEU B 39 -12.04 51.97 -22.49
N GLY B 40 -12.62 50.82 -22.80
CA GLY B 40 -12.23 50.06 -23.98
C GLY B 40 -10.96 49.22 -23.85
N LYS B 41 -10.45 49.02 -22.63
CA LYS B 41 -9.16 48.32 -22.42
C LYS B 41 -9.31 46.83 -22.54
N LYS B 42 -8.25 46.14 -22.98
CA LYS B 42 -8.25 44.69 -22.96
C LYS B 42 -7.78 44.19 -21.59
N ILE B 43 -8.35 43.08 -21.16
CA ILE B 43 -8.05 42.47 -19.88
C ILE B 43 -7.87 41.01 -20.01
N ILE B 44 -6.88 40.47 -19.30
CA ILE B 44 -6.79 39.04 -19.17
C ILE B 44 -6.63 38.79 -17.70
N PHE B 45 -7.43 37.87 -17.16
CA PHE B 45 -7.35 37.57 -15.71
C PHE B 45 -6.46 36.36 -15.53
N VAL B 46 -5.41 36.50 -14.72
CA VAL B 46 -4.41 35.47 -14.53
C VAL B 46 -4.34 34.97 -13.06
N SER B 47 -4.34 33.65 -12.88
CA SER B 47 -4.37 33.05 -11.54
C SER B 47 -3.44 31.84 -11.62
N ASN B 48 -2.73 31.60 -10.54
CA ASN B 48 -1.87 30.46 -10.43
C ASN B 48 -2.61 29.21 -9.95
N ASN B 49 -3.92 29.28 -9.77
CA ASN B 49 -4.69 28.16 -9.24
C ASN B 49 -4.44 26.95 -10.05
N SER B 50 -3.93 25.91 -9.41
CA SER B 50 -3.62 24.68 -10.12
C SER B 50 -4.74 23.63 -10.06
N THR B 51 -5.82 23.91 -9.39
CA THR B 51 -6.84 22.89 -9.15
C THR B 51 -8.17 23.21 -9.84
N ARG B 52 -8.39 24.46 -10.21
CA ARG B 52 -9.64 24.90 -10.78
C ARG B 52 -9.48 25.12 -12.30
N SER B 53 -10.50 24.67 -13.01
CA SER B 53 -10.63 24.80 -14.47
C SER B 53 -11.02 26.23 -14.81
N ARG B 54 -10.80 26.59 -16.08
CA ARG B 54 -11.12 27.94 -16.57
C ARG B 54 -12.61 28.27 -16.35
N ARG B 55 -13.44 27.24 -16.53
CA ARG B 55 -14.90 27.34 -16.47
C ARG B 55 -15.28 27.85 -15.10
N ILE B 56 -14.63 27.31 -14.09
CA ILE B 56 -14.94 27.70 -12.73
C ILE B 56 -14.57 29.16 -12.39
N LEU B 57 -13.37 29.58 -12.80
CA LEU B 57 -12.98 30.98 -12.60
C LEU B 57 -13.81 31.93 -13.48
N LEU B 58 -14.11 31.50 -14.70
CA LEU B 58 -15.03 32.27 -15.54
C LEU B 58 -16.39 32.53 -14.85
N GLU B 59 -16.99 31.46 -14.31
CA GLU B 59 -18.29 31.60 -13.71
C GLU B 59 -18.19 32.38 -12.41
N ARG B 60 -17.03 32.38 -11.76
CA ARG B 60 -16.93 33.13 -10.49
C ARG B 60 -16.92 34.64 -10.78
N LEU B 61 -16.12 35.04 -11.77
CA LEU B 61 -16.09 36.41 -12.19
C LEU B 61 -17.45 36.85 -12.72
N ARG B 62 -18.14 36.01 -13.49
CA ARG B 62 -19.50 36.38 -13.88
C ARG B 62 -20.42 36.55 -12.64
N SER B 63 -20.31 35.68 -11.64
CA SER B 63 -21.17 35.80 -10.47
C SER B 63 -20.82 37.05 -9.67
N PHE B 64 -19.73 37.74 -10.02
CA PHE B 64 -19.38 39.01 -9.37
C PHE B 64 -20.07 40.15 -10.08
N GLY B 65 -20.73 39.83 -11.18
CA GLY B 65 -21.40 40.83 -11.98
C GLY B 65 -20.53 41.33 -13.11
N LEU B 66 -19.45 40.64 -13.44
CA LEU B 66 -18.63 41.10 -14.55
C LEU B 66 -19.02 40.40 -15.85
N GLU B 67 -18.87 41.12 -16.95
CA GLU B 67 -19.11 40.54 -18.27
CA GLU B 67 -19.12 40.59 -18.27
C GLU B 67 -17.76 40.05 -18.77
N VAL B 68 -17.62 38.74 -18.81
CA VAL B 68 -16.34 38.15 -19.12
C VAL B 68 -16.57 37.00 -20.03
N GLY B 69 -15.69 36.86 -21.00
CA GLY B 69 -15.71 35.76 -21.92
C GLY B 69 -14.56 34.88 -21.54
N GLU B 70 -14.63 33.64 -22.00
CA GLU B 70 -13.71 32.64 -21.56
C GLU B 70 -12.25 32.97 -21.97
N ASP B 71 -12.08 33.71 -23.06
CA ASP B 71 -10.72 34.08 -23.51
C ASP B 71 -10.08 35.16 -22.62
N GLU B 72 -10.85 35.76 -21.74
CA GLU B 72 -10.28 36.67 -20.76
C GLU B 72 -9.77 35.97 -19.49
N ILE B 73 -9.84 34.64 -19.43
CA ILE B 73 -9.50 33.85 -18.21
C ILE B 73 -8.28 32.99 -18.50
N LEU B 74 -7.19 33.25 -17.79
CA LEU B 74 -5.98 32.43 -17.90
C LEU B 74 -5.55 31.95 -16.52
N VAL B 75 -6.08 30.82 -16.12
CA VAL B 75 -5.69 30.12 -14.92
C VAL B 75 -4.60 29.08 -15.33
N ALA B 76 -3.74 28.76 -14.39
CA ALA B 76 -2.57 27.94 -14.63
C ALA B 76 -2.88 26.53 -15.18
N THR B 77 -4.02 25.96 -14.82
CA THR B 77 -4.51 24.67 -15.36
C THR B 77 -4.60 24.72 -16.90
N TYR B 78 -5.31 25.74 -17.40
CA TYR B 78 -5.51 26.00 -18.79
C TYR B 78 -4.22 26.37 -19.45
N ALA B 79 -3.47 27.28 -18.83
CA ALA B 79 -2.15 27.68 -19.36
C ALA B 79 -1.18 26.49 -19.50
N THR B 80 -1.18 25.60 -18.52
CA THR B 80 -0.36 24.43 -18.61
C THR B 80 -0.79 23.51 -19.76
N ALA B 81 -2.10 23.27 -19.85
CA ALA B 81 -2.63 22.36 -20.88
C ALA B 81 -2.33 22.97 -22.26
N ARG B 82 -2.51 24.28 -22.43
CA ARG B 82 -2.24 24.85 -23.74
C ARG B 82 -0.75 24.88 -24.08
N PHE B 83 0.09 24.99 -23.07
CA PHE B 83 1.51 25.00 -23.27
C PHE B 83 1.96 23.64 -23.84
N ILE B 84 1.48 22.59 -23.20
CA ILE B 84 1.85 21.26 -23.62
C ILE B 84 1.29 20.89 -24.96
N ALA B 85 0.02 21.22 -25.19
CA ALA B 85 -0.63 20.85 -26.46
C ALA B 85 0.04 21.57 -27.67
N ARG B 86 0.53 22.78 -27.45
CA ARG B 86 1.26 23.55 -28.45
C ARG B 86 2.58 22.87 -28.80
N GLU B 87 3.28 22.39 -27.78
CA GLU B 87 4.54 21.74 -27.97
C GLU B 87 4.31 20.35 -28.57
N LYS B 88 3.24 19.67 -28.16
CA LYS B 88 3.06 18.33 -28.64
C LYS B 88 1.63 17.93 -28.63
N PRO B 89 0.96 18.11 -29.78
CA PRO B 89 -0.43 17.81 -29.78
C PRO B 89 -0.67 16.34 -29.38
N ASN B 90 -1.75 16.09 -28.66
CA ASN B 90 -2.09 14.74 -28.22
C ASN B 90 -1.02 14.09 -27.34
N ALA B 91 -0.26 14.91 -26.64
CA ALA B 91 0.76 14.38 -25.74
C ALA B 91 0.10 13.49 -24.71
N LYS B 92 0.77 12.41 -24.33
CA LYS B 92 0.39 11.60 -23.18
C LYS B 92 1.00 12.17 -21.89
N VAL B 93 0.12 12.42 -20.95
CA VAL B 93 0.44 13.11 -19.71
CA VAL B 93 0.50 13.07 -19.71
C VAL B 93 0.11 12.25 -18.50
N PHE B 94 1.01 12.21 -17.53
CA PHE B 94 0.71 11.72 -16.19
C PHE B 94 0.71 12.92 -15.28
N THR B 95 -0.32 13.06 -14.45
CA THR B 95 -0.37 14.25 -13.57
C THR B 95 -0.62 13.90 -12.11
N THR B 96 -0.07 14.71 -11.19
CA THR B 96 -0.41 14.59 -9.77
C THR B 96 -1.64 15.40 -9.42
N GLY B 97 -2.18 16.12 -10.39
CA GLY B 97 -3.15 17.13 -10.10
C GLY B 97 -4.58 16.67 -9.91
N GLU B 98 -5.42 17.65 -9.60
CA GLU B 98 -6.84 17.43 -9.29
C GLU B 98 -7.66 17.45 -10.56
N GLU B 99 -8.96 17.23 -10.40
CA GLU B 99 -9.86 17.03 -11.51
C GLU B 99 -9.91 18.22 -12.47
N GLY B 100 -9.81 19.43 -11.92
CA GLY B 100 -9.85 20.66 -12.71
C GLY B 100 -8.65 20.81 -13.64
N LEU B 101 -7.47 20.40 -13.18
CA LEU B 101 -6.30 20.29 -14.06
C LEU B 101 -6.56 19.22 -15.10
N ILE B 102 -6.99 18.03 -14.65
CA ILE B 102 -7.19 16.93 -15.59
C ILE B 102 -8.15 17.37 -16.74
N GLU B 103 -9.21 18.11 -16.38
CA GLU B 103 -10.22 18.67 -17.29
CA GLU B 103 -10.18 18.53 -17.37
C GLU B 103 -9.58 19.47 -18.39
N GLU B 104 -8.70 20.40 -17.99
CA GLU B 104 -8.06 21.29 -18.95
C GLU B 104 -7.11 20.48 -19.81
N LEU B 105 -6.42 19.50 -19.21
CA LEU B 105 -5.54 18.70 -20.03
C LEU B 105 -6.30 18.00 -21.15
N ARG B 106 -7.43 17.41 -20.80
CA ARG B 106 -8.28 16.70 -21.76
C ARG B 106 -8.88 17.65 -22.78
N LEU B 107 -9.35 18.80 -22.32
CA LEU B 107 -9.91 19.80 -23.22
C LEU B 107 -8.89 20.24 -24.27
N ALA B 108 -7.61 20.26 -23.94
CA ALA B 108 -6.59 20.71 -24.89
C ALA B 108 -6.20 19.56 -25.84
N GLY B 109 -6.81 18.40 -25.70
CA GLY B 109 -6.56 17.26 -26.59
C GLY B 109 -5.56 16.25 -26.07
N LEU B 110 -5.09 16.42 -24.82
CA LEU B 110 -4.00 15.61 -24.32
C LEU B 110 -4.57 14.32 -23.77
N GLU B 111 -3.72 13.29 -23.68
CA GLU B 111 -4.18 11.96 -23.17
C GLU B 111 -3.61 11.64 -21.81
N ILE B 112 -4.48 11.38 -20.83
CA ILE B 112 -4.09 11.02 -19.48
C ILE B 112 -3.70 9.55 -19.48
N VAL B 113 -2.48 9.27 -19.05
CA VAL B 113 -1.95 7.92 -19.00
C VAL B 113 -1.15 7.69 -17.72
N ASP B 114 -0.79 6.43 -17.49
CA ASP B 114 0.04 6.06 -16.34
C ASP B 114 1.46 6.53 -16.48
N TYR B 115 2.19 6.50 -15.35
CA TYR B 115 3.51 7.10 -15.24
C TYR B 115 4.52 6.51 -16.18
N ASP B 116 4.41 5.21 -16.44
CA ASP B 116 5.33 4.54 -17.35
C ASP B 116 4.98 4.71 -18.85
N GLU B 117 3.81 5.24 -19.16
CA GLU B 117 3.45 5.50 -20.54
C GLU B 117 3.59 7.00 -20.88
N ALA B 118 3.72 7.87 -19.86
CA ALA B 118 3.67 9.30 -20.07
C ALA B 118 4.86 9.87 -20.86
N GLU B 119 4.59 10.88 -21.66
CA GLU B 119 5.64 11.72 -22.31
C GLU B 119 5.92 12.96 -21.50
N TYR B 120 4.98 13.32 -20.63
CA TYR B 120 5.09 14.48 -19.75
C TYR B 120 4.65 14.09 -18.34
N LEU B 121 5.42 14.51 -17.35
CA LEU B 121 5.01 14.63 -15.95
C LEU B 121 4.46 16.05 -15.68
N VAL B 122 3.20 16.11 -15.28
CA VAL B 122 2.59 17.40 -14.99
C VAL B 122 2.28 17.49 -13.51
N VAL B 123 3.04 18.33 -12.83
CA VAL B 123 2.88 18.45 -11.36
C VAL B 123 1.94 19.57 -11.09
N GLY B 124 0.86 19.23 -10.42
CA GLY B 124 -0.06 20.22 -9.84
C GLY B 124 -0.42 19.80 -8.43
N SER B 125 -0.88 20.77 -7.65
CA SER B 125 -1.30 20.52 -6.28
C SER B 125 -2.46 19.55 -6.21
N ASN B 126 -2.51 18.76 -5.17
CA ASN B 126 -3.58 17.83 -4.94
C ASN B 126 -3.84 17.62 -3.44
N ARG B 127 -5.02 17.98 -2.99
CA ARG B 127 -5.43 17.79 -1.58
CA ARG B 127 -5.34 17.81 -1.58
C ARG B 127 -5.57 16.35 -1.17
N LYS B 128 -5.59 15.44 -2.14
CA LYS B 128 -5.74 14.02 -1.90
C LYS B 128 -4.43 13.33 -2.25
N ILE B 129 -3.36 14.10 -2.23
CA ILE B 129 -2.04 13.54 -2.43
C ILE B 129 -1.77 12.46 -1.38
N ASN B 130 -1.11 11.40 -1.82
CA ASN B 130 -0.84 10.30 -0.95
C ASN B 130 0.42 9.62 -1.41
N PHE B 131 0.73 8.48 -0.81
CA PHE B 131 1.98 7.80 -1.06
C PHE B 131 2.01 7.15 -2.41
N GLU B 132 0.87 6.60 -2.83
CA GLU B 132 0.75 6.05 -4.20
C GLU B 132 0.94 7.12 -5.25
N LEU B 133 0.27 8.23 -5.12
CA LEU B 133 0.51 9.31 -6.12
C LEU B 133 1.95 9.76 -6.13
N MSE B 134 2.56 9.90 -4.96
CA MSE B 134 3.97 10.36 -4.89
CA MSE B 134 3.97 10.35 -4.89
C MSE B 134 4.96 9.35 -5.45
O MSE B 134 6.01 9.71 -6.01
CB MSE B 134 4.36 10.73 -3.46
CB MSE B 134 4.34 10.74 -3.46
CG MSE B 134 5.71 11.40 -3.36
CG MSE B 134 3.69 12.03 -3.02
SE MSE B 134 5.76 13.16 -4.18
SE MSE B 134 4.23 13.53 -4.10
CE MSE B 134 4.58 14.06 -2.97
CE MSE B 134 6.13 13.49 -3.78
N THR B 135 4.62 8.07 -5.34
CA THR B 135 5.43 7.03 -5.91
C THR B 135 5.37 7.13 -7.45
N LYS B 136 4.16 7.26 -7.99
CA LYS B 136 4.00 7.47 -9.43
C LYS B 136 4.77 8.69 -9.93
N ALA B 137 4.62 9.80 -9.21
CA ALA B 137 5.32 11.03 -9.58
C ALA B 137 6.86 10.82 -9.54
N LEU B 138 7.33 10.18 -8.48
CA LEU B 138 8.76 9.86 -8.37
C LEU B 138 9.23 9.03 -9.58
N ARG B 139 8.49 7.97 -9.87
CA ARG B 139 8.92 7.10 -10.98
C ARG B 139 8.90 7.83 -12.29
N ALA B 140 7.88 8.65 -12.52
CA ALA B 140 7.82 9.40 -13.78
C ALA B 140 9.01 10.35 -13.85
N CYS B 141 9.34 10.92 -12.71
CA CYS B 141 10.42 11.90 -12.64
C CYS B 141 11.74 11.22 -12.93
N LEU B 142 11.94 10.02 -12.36
CA LEU B 142 13.16 9.26 -12.56
C LEU B 142 13.34 8.82 -13.98
N ARG B 143 12.25 8.61 -14.71
CA ARG B 143 12.34 8.15 -16.08
C ARG B 143 12.97 9.22 -16.99
N GLY B 144 13.09 10.45 -16.48
CA GLY B 144 13.65 11.56 -17.26
C GLY B 144 12.69 12.26 -18.23
N ILE B 145 11.41 11.94 -18.19
CA ILE B 145 10.47 12.60 -19.11
C ILE B 145 10.27 14.12 -18.79
N ARG B 146 9.75 14.82 -19.78
CA ARG B 146 9.61 16.27 -19.70
C ARG B 146 8.68 16.61 -18.52
N TYR B 147 9.07 17.59 -17.71
CA TYR B 147 8.45 17.81 -16.41
C TYR B 147 8.03 19.27 -16.31
N ILE B 148 6.71 19.43 -16.26
CA ILE B 148 6.06 20.73 -16.23
C ILE B 148 5.36 20.89 -14.88
N ALA B 149 5.55 22.03 -14.24
CA ALA B 149 4.76 22.30 -13.02
C ALA B 149 3.81 23.40 -13.30
N THR B 150 2.64 23.31 -12.70
CA THR B 150 1.61 24.31 -12.94
C THR B 150 1.97 25.70 -12.40
N ASN B 151 2.57 25.71 -11.24
CA ASN B 151 2.86 26.94 -10.55
C ASN B 151 3.86 26.59 -9.49
N PRO B 152 4.64 27.58 -9.02
CA PRO B 152 5.71 27.23 -8.07
C PRO B 152 5.36 27.49 -6.59
N ASP B 153 4.20 28.07 -6.31
CA ASP B 153 3.89 28.56 -4.99
C ASP B 153 4.10 27.46 -3.97
N ARG B 154 4.77 27.81 -2.87
CA ARG B 154 5.11 26.81 -1.83
CA ARG B 154 5.13 26.82 -1.82
C ARG B 154 4.07 26.57 -0.75
N ILE B 155 3.40 27.62 -0.33
CA ILE B 155 2.54 27.58 0.86
C ILE B 155 1.39 28.48 0.53
N PHE B 156 0.16 27.99 0.68
CA PHE B 156 -1.04 28.78 0.45
C PHE B 156 -1.63 29.18 1.81
N PRO B 157 -1.87 30.50 2.04
CA PRO B 157 -2.38 30.96 3.33
C PRO B 157 -3.87 30.64 3.43
N ALA B 158 -4.24 29.48 3.98
CA ALA B 158 -5.66 29.16 4.16
C ALA B 158 -6.25 29.83 5.42
N GLU B 159 -7.58 29.73 5.54
CA GLU B 159 -8.30 30.27 6.71
CA GLU B 159 -8.35 30.22 6.71
C GLU B 159 -7.85 29.60 8.02
N ASP B 160 -7.69 28.27 7.95
CA ASP B 160 -7.22 27.45 9.07
CA ASP B 160 -7.22 27.45 9.07
C ASP B 160 -5.73 27.72 9.39
N GLY B 161 -5.00 28.32 8.43
CA GLY B 161 -3.54 28.59 8.57
C GLY B 161 -2.82 28.09 7.31
N PRO B 162 -1.47 28.11 7.29
CA PRO B 162 -0.77 27.72 6.04
C PRO B 162 -1.03 26.27 5.65
N ILE B 163 -1.14 26.02 4.35
CA ILE B 163 -1.17 24.66 3.83
C ILE B 163 -0.23 24.53 2.65
N PRO B 164 0.18 23.29 2.32
CA PRO B 164 1.12 23.12 1.23
C PRO B 164 0.55 23.58 -0.07
N GLY B 165 1.38 24.21 -0.88
CA GLY B 165 1.03 24.46 -2.27
C GLY B 165 1.67 23.48 -3.21
N THR B 166 1.60 23.79 -4.50
CA THR B 166 2.18 22.92 -5.51
C THR B 166 3.67 22.66 -5.28
N GLY B 167 4.38 23.67 -4.75
CA GLY B 167 5.81 23.56 -4.46
C GLY B 167 6.20 22.51 -3.46
N MSE B 168 5.26 22.06 -2.65
CA MSE B 168 5.52 20.85 -1.85
C MSE B 168 5.96 19.62 -2.67
O MSE B 168 6.93 18.89 -2.30
CB MSE B 168 4.28 20.44 -1.05
CG MSE B 168 4.66 19.44 0.00
SE MSE B 168 4.24 17.72 -0.67
CE MSE B 168 2.39 17.89 0.06
N ILE B 169 5.23 19.39 -3.77
CA ILE B 169 5.47 18.23 -4.63
C ILE B 169 6.75 18.50 -5.37
N ILE B 170 6.91 19.73 -5.82
CA ILE B 170 8.14 20.14 -6.50
C ILE B 170 9.33 19.86 -5.62
N GLY B 171 9.20 20.23 -4.36
CA GLY B 171 10.33 20.14 -3.43
C GLY B 171 10.69 18.70 -3.10
N ALA B 172 9.64 17.90 -2.89
CA ALA B 172 9.81 16.48 -2.67
C ALA B 172 10.55 15.80 -3.83
N LEU B 173 10.10 16.08 -5.03
CA LEU B 173 10.70 15.49 -6.22
C LEU B 173 12.11 15.97 -6.43
N TYR B 174 12.38 17.25 -6.19
CA TYR B 174 13.74 17.77 -6.28
C TYR B 174 14.68 17.09 -5.26
N TRP B 175 14.25 17.06 -4.00
CA TRP B 175 15.10 16.43 -2.97
C TRP B 175 15.41 14.96 -3.30
N MSE B 176 14.42 14.23 -3.79
CA MSE B 176 14.62 12.80 -4.06
C MSE B 176 15.46 12.53 -5.34
O MSE B 176 16.23 11.54 -5.35
CB MSE B 176 13.29 12.05 -4.18
CG MSE B 176 12.50 11.94 -2.87
SE MSE B 176 11.00 10.78 -2.98
CE MSE B 176 9.85 11.87 -4.07
N THR B 177 15.25 13.32 -6.40
CA THR B 177 15.80 12.98 -7.72
C THR B 177 16.87 13.96 -8.25
N GLY B 178 16.99 15.10 -7.60
CA GLY B 178 17.75 16.22 -8.14
C GLY B 178 17.13 16.98 -9.32
N ARG B 179 15.93 16.62 -9.75
CA ARG B 179 15.27 17.33 -10.86
C ARG B 179 14.30 18.41 -10.38
N GLU B 180 14.46 19.64 -10.89
CA GLU B 180 13.44 20.70 -10.81
C GLU B 180 12.64 20.63 -12.09
N PRO B 181 11.44 21.21 -12.11
CA PRO B 181 10.65 21.25 -13.30
C PRO B 181 11.49 21.71 -14.50
N ASP B 182 11.32 21.11 -15.67
CA ASP B 182 11.90 21.70 -16.91
C ASP B 182 11.20 23.04 -17.19
N VAL B 183 9.90 23.10 -16.92
CA VAL B 183 9.14 24.33 -17.12
C VAL B 183 8.19 24.58 -15.93
N VAL B 184 8.19 25.79 -15.41
CA VAL B 184 7.18 26.26 -14.48
C VAL B 184 6.26 27.20 -15.24
N VAL B 185 4.99 26.91 -15.23
CA VAL B 185 4.05 27.73 -15.99
C VAL B 185 3.69 29.00 -15.24
N GLY B 186 3.27 28.84 -13.99
CA GLY B 186 2.61 29.92 -13.24
C GLY B 186 3.59 31.02 -12.81
N LYS B 187 3.03 32.17 -12.40
CA LYS B 187 3.77 33.35 -12.00
C LYS B 187 4.67 33.00 -10.86
N PRO B 188 5.88 33.58 -10.84
CA PRO B 188 6.35 34.71 -11.66
C PRO B 188 7.08 34.27 -12.95
N SER B 189 7.02 32.97 -13.27
CA SER B 189 7.55 32.50 -14.54
C SER B 189 6.95 33.31 -15.70
N GLU B 190 7.81 33.57 -16.66
CA GLU B 190 7.41 34.25 -17.86
C GLU B 190 6.46 33.41 -18.75
N VAL B 191 6.39 32.12 -18.48
CA VAL B 191 5.63 31.21 -19.34
C VAL B 191 4.15 31.64 -19.42
N ILE B 192 3.50 31.79 -18.28
CA ILE B 192 2.07 32.15 -18.30
C ILE B 192 1.86 33.55 -18.80
N MSE B 193 2.84 34.42 -18.54
CA MSE B 193 2.82 35.79 -18.97
C MSE B 193 2.93 35.92 -20.52
O MSE B 193 2.30 36.80 -21.12
CB MSE B 193 3.94 36.56 -18.29
CG MSE B 193 3.89 36.41 -16.78
SE MSE B 193 2.17 37.06 -16.06
CE MSE B 193 2.59 38.84 -16.13
N ARG B 194 3.70 35.03 -21.15
CA ARG B 194 3.76 34.93 -22.60
CA ARG B 194 3.73 34.99 -22.61
C ARG B 194 2.48 34.32 -23.18
N GLU B 195 1.86 33.37 -22.49
CA GLU B 195 0.57 32.87 -23.01
C GLU B 195 -0.42 34.05 -22.99
N ALA B 196 -0.36 34.89 -21.92
CA ALA B 196 -1.22 36.05 -21.76
C ALA B 196 -1.11 37.03 -22.94
N LEU B 197 0.12 37.43 -23.27
CA LEU B 197 0.38 38.32 -24.38
C LEU B 197 -0.10 37.74 -25.73
N ASP B 198 0.16 36.45 -25.98
CA ASP B 198 -0.39 35.77 -27.19
C ASP B 198 -1.93 35.80 -27.24
N ILE B 199 -2.57 35.52 -26.10
CA ILE B 199 -4.01 35.54 -26.04
C ILE B 199 -4.50 36.95 -26.25
N LEU B 200 -3.80 37.93 -25.68
CA LEU B 200 -4.15 39.32 -25.88
C LEU B 200 -3.79 39.83 -27.29
N GLY B 201 -2.77 39.23 -27.92
CA GLY B 201 -2.21 39.78 -29.16
C GLY B 201 -1.44 41.09 -28.97
N LEU B 202 -0.82 41.27 -27.80
CA LEU B 202 -0.06 42.49 -27.50
C LEU B 202 1.37 42.20 -27.07
N ASP B 203 2.16 43.26 -27.06
CA ASP B 203 3.57 43.24 -26.66
C ASP B 203 3.60 43.73 -25.22
N ALA B 204 4.59 43.31 -24.45
CA ALA B 204 4.68 43.72 -23.05
C ALA B 204 4.62 45.24 -22.88
N LYS B 205 5.14 45.96 -23.88
CA LYS B 205 5.21 47.42 -23.76
C LYS B 205 3.80 48.05 -23.71
N ASP B 206 2.78 47.30 -24.17
CA ASP B 206 1.39 47.79 -24.28
C ASP B 206 0.47 47.26 -23.17
N VAL B 207 1.07 46.66 -22.14
CA VAL B 207 0.38 46.01 -21.07
C VAL B 207 0.92 46.41 -19.69
N ALA B 208 0.03 46.47 -18.70
CA ALA B 208 0.44 46.60 -17.32
C ALA B 208 0.04 45.32 -16.56
N VAL B 209 0.89 44.91 -15.63
CA VAL B 209 0.62 43.71 -14.85
C VAL B 209 0.23 44.13 -13.44
N VAL B 210 -1.00 43.77 -13.06
CA VAL B 210 -1.58 44.16 -11.80
C VAL B 210 -1.78 42.97 -10.85
N GLY B 211 -1.34 43.15 -9.62
CA GLY B 211 -1.55 42.12 -8.60
C GLY B 211 -1.30 42.56 -7.15
N ASP B 212 -1.46 41.62 -6.23
CA ASP B 212 -1.31 41.87 -4.78
C ASP B 212 -0.04 41.31 -4.13
N GLN B 213 0.78 40.62 -4.90
CA GLN B 213 2.07 40.08 -4.34
C GLN B 213 3.28 40.56 -5.14
N ILE B 214 4.25 41.13 -4.46
CA ILE B 214 5.45 41.59 -5.14
C ILE B 214 6.22 40.39 -5.71
N ASP B 215 6.37 39.32 -4.94
CA ASP B 215 7.17 38.18 -5.39
C ASP B 215 6.48 37.34 -6.46
N VAL B 216 5.16 37.52 -6.64
CA VAL B 216 4.46 36.77 -7.67
C VAL B 216 4.14 37.65 -8.88
N ASP B 217 3.34 38.69 -8.66
CA ASP B 217 2.82 39.54 -9.75
C ASP B 217 3.83 40.56 -10.26
N VAL B 218 4.48 41.27 -9.36
CA VAL B 218 5.46 42.26 -9.76
C VAL B 218 6.64 41.60 -10.45
N ALA B 219 7.12 40.52 -9.88
CA ALA B 219 8.15 39.75 -10.51
C ALA B 219 7.69 39.14 -11.86
N ALA B 220 6.43 38.72 -11.96
CA ALA B 220 5.90 38.25 -13.24
C ALA B 220 5.98 39.41 -14.28
N GLY B 221 5.65 40.62 -13.86
CA GLY B 221 5.70 41.78 -14.75
C GLY B 221 7.08 42.10 -15.24
N LYS B 222 8.04 42.06 -14.32
CA LYS B 222 9.47 42.20 -14.68
C LYS B 222 9.97 41.13 -15.64
N ALA B 223 9.50 39.88 -15.51
CA ALA B 223 10.00 38.83 -16.37
C ALA B 223 9.62 39.08 -17.86
N ILE B 224 8.57 39.85 -18.12
CA ILE B 224 8.24 40.25 -19.50
C ILE B 224 8.52 41.74 -19.75
N GLY B 225 9.06 42.43 -18.75
CA GLY B 225 9.39 43.85 -18.87
C GLY B 225 8.19 44.77 -19.06
N ALA B 226 7.07 44.35 -18.47
CA ALA B 226 5.82 45.13 -18.48
C ALA B 226 5.83 45.98 -17.26
N GLU B 227 5.12 47.10 -17.33
CA GLU B 227 5.00 47.95 -16.17
C GLU B 227 4.17 47.22 -15.11
N THR B 228 4.45 47.48 -13.85
CA THR B 228 3.82 46.73 -12.76
C THR B 228 3.07 47.63 -11.81
N VAL B 229 1.88 47.18 -11.45
CA VAL B 229 1.02 47.82 -10.49
C VAL B 229 0.71 46.87 -9.31
N LEU B 230 1.02 47.32 -8.10
CA LEU B 230 0.64 46.62 -6.88
C LEU B 230 -0.61 47.22 -6.31
N VAL B 231 -1.64 46.41 -6.03
CA VAL B 231 -2.78 46.90 -5.29
C VAL B 231 -2.74 46.40 -3.83
N LEU B 232 -3.47 47.06 -2.94
CA LEU B 232 -3.34 46.84 -1.49
C LEU B 232 -4.57 46.20 -0.86
N THR B 233 -5.43 45.67 -1.70
CA THR B 233 -6.66 45.00 -1.27
C THR B 233 -6.46 43.52 -0.90
N GLY B 234 -5.24 42.99 -1.04
CA GLY B 234 -4.96 41.56 -0.76
C GLY B 234 -3.82 41.25 0.21
N VAL B 235 -2.84 40.45 -0.24
CA VAL B 235 -1.81 39.98 0.65
C VAL B 235 -0.95 41.16 1.13
N THR B 236 -0.70 42.12 0.23
CA THR B 236 0.14 43.24 0.58
C THR B 236 -0.72 44.41 1.08
N THR B 237 -0.35 45.00 2.20
CA THR B 237 -1.17 46.06 2.83
C THR B 237 -0.35 47.32 2.98
N ARG B 238 -1.00 48.43 3.34
CA ARG B 238 -0.28 49.65 3.72
C ARG B 238 0.71 49.41 4.86
N GLU B 239 0.31 48.56 5.81
CA GLU B 239 1.09 48.26 7.01
C GLU B 239 2.35 47.42 6.72
N ASN B 240 2.24 46.44 5.82
CA ASN B 240 3.39 45.59 5.53
C ASN B 240 4.12 45.92 4.22
N LEU B 241 3.66 46.93 3.48
CA LEU B 241 4.24 47.27 2.17
C LEU B 241 5.76 47.32 2.18
N ASP B 242 6.33 48.10 3.12
CA ASP B 242 7.78 48.30 3.17
C ASP B 242 8.53 47.03 3.53
N GLN B 243 7.94 46.23 4.41
CA GLN B 243 8.51 44.92 4.75
C GLN B 243 8.58 44.04 3.51
N MSE B 244 7.47 43.96 2.77
CA MSE B 244 7.40 43.14 1.57
C MSE B 244 8.40 43.59 0.48
O MSE B 244 9.02 42.75 -0.16
CB MSE B 244 5.97 43.15 1.01
CG MSE B 244 4.94 42.53 1.92
SE MSE B 244 5.24 40.64 2.09
CE MSE B 244 4.27 40.40 3.79
N ILE B 245 8.54 44.89 0.27
CA ILE B 245 9.50 45.39 -0.73
C ILE B 245 10.91 44.94 -0.40
N GLU B 246 11.25 45.09 0.89
CA GLU B 246 12.51 44.54 1.46
C GLU B 246 12.64 43.05 1.34
N ARG B 247 11.67 42.33 1.86
CA ARG B 247 11.74 40.87 1.84
CA ARG B 247 11.74 40.86 1.84
C ARG B 247 11.94 40.37 0.41
N HIS B 248 11.16 40.89 -0.53
CA HIS B 248 11.22 40.38 -1.91
C HIS B 248 12.17 41.10 -2.87
N GLY B 249 12.84 42.16 -2.41
CA GLY B 249 13.86 42.81 -3.24
C GLY B 249 13.38 43.37 -4.57
N LEU B 250 12.11 43.79 -4.64
CA LEU B 250 11.55 44.36 -5.87
C LEU B 250 10.58 45.45 -5.49
N LYS B 251 10.50 46.47 -6.34
CA LYS B 251 9.56 47.54 -6.19
C LYS B 251 8.61 47.59 -7.38
N PRO B 252 7.30 47.76 -7.12
CA PRO B 252 6.39 48.01 -8.21
C PRO B 252 6.59 49.39 -8.87
N ASP B 253 6.26 49.51 -10.15
CA ASP B 253 6.24 50.84 -10.81
C ASP B 253 5.18 51.75 -10.21
N TYR B 254 4.02 51.17 -9.87
CA TYR B 254 2.96 51.90 -9.17
C TYR B 254 2.31 51.12 -8.04
N VAL B 255 1.90 51.85 -7.01
CA VAL B 255 1.10 51.28 -5.93
C VAL B 255 -0.24 52.02 -5.86
N PHE B 256 -1.33 51.28 -5.77
CA PHE B 256 -2.64 51.88 -5.58
C PHE B 256 -3.40 51.13 -4.51
N ASN B 257 -4.27 51.83 -3.81
CA ASN B 257 -5.08 51.16 -2.78
C ASN B 257 -5.88 50.00 -3.36
N SER B 258 -6.46 50.23 -4.53
CA SER B 258 -7.35 49.27 -5.20
C SER B 258 -7.28 49.40 -6.71
N LEU B 259 -7.82 48.42 -7.42
CA LEU B 259 -7.99 48.55 -8.88
C LEU B 259 -8.80 49.80 -9.25
N LYS B 260 -9.87 50.08 -8.49
CA LYS B 260 -10.66 51.30 -8.69
CA LYS B 260 -10.66 51.31 -8.70
C LYS B 260 -9.76 52.54 -8.70
N ASP B 261 -8.88 52.67 -7.70
CA ASP B 261 -7.93 53.80 -7.65
C ASP B 261 -6.98 53.89 -8.84
N MSE B 262 -6.43 52.76 -9.27
CA MSE B 262 -5.64 52.72 -10.51
C MSE B 262 -6.46 53.32 -11.65
O MSE B 262 -5.98 54.15 -12.38
CB MSE B 262 -5.26 51.29 -10.92
CG MSE B 262 -4.24 51.24 -12.03
SE MSE B 262 -4.02 49.55 -12.84
CE MSE B 262 -5.64 49.56 -13.95
N VAL B 263 -7.69 52.87 -11.80
CA VAL B 263 -8.47 53.31 -12.95
C VAL B 263 -8.83 54.80 -12.84
N GLU B 264 -9.07 55.29 -11.61
CA GLU B 264 -9.37 56.74 -11.40
C GLU B 264 -8.17 57.54 -11.87
N ALA B 265 -6.97 57.03 -11.65
CA ALA B 265 -5.78 57.76 -12.04
C ALA B 265 -5.46 57.69 -13.53
N LEU B 266 -6.36 57.14 -14.35
CA LEU B 266 -6.09 57.04 -15.80
C LEU B 266 -6.62 58.27 -16.55
N MSE C 5 -22.36 -3.08 39.11
CA MSE C 5 -22.34 -4.57 39.03
C MSE C 5 -21.65 -5.21 40.23
O MSE C 5 -21.08 -4.49 41.09
CB MSE C 5 -21.66 -5.10 37.75
CG MSE C 5 -20.18 -4.84 37.63
SE MSE C 5 -19.44 -5.72 36.05
CE MSE C 5 -18.59 -7.28 36.88
N PRO C 6 -21.73 -6.55 40.33
CA PRO C 6 -20.92 -7.33 41.27
C PRO C 6 -19.39 -7.39 41.01
N ASP C 7 -18.68 -7.16 42.09
CA ASP C 7 -17.23 -7.34 42.10
C ASP C 7 -16.92 -8.73 41.60
N LYS C 8 -15.76 -8.91 40.99
CA LYS C 8 -15.22 -10.25 40.77
C LYS C 8 -13.81 -10.24 41.30
N LYS C 9 -13.28 -11.43 41.55
CA LYS C 9 -11.87 -11.62 41.92
C LYS C 9 -10.89 -11.28 40.76
N GLY C 10 -11.32 -11.54 39.53
CA GLY C 10 -10.49 -11.29 38.37
C GLY C 10 -11.25 -11.01 37.07
N TYR C 11 -10.49 -10.61 36.07
CA TYR C 11 -10.99 -9.99 34.84
C TYR C 11 -10.11 -10.48 33.69
N ILE C 12 -10.77 -11.06 32.68
CA ILE C 12 -10.11 -11.38 31.41
C ILE C 12 -10.44 -10.15 30.54
N ILE C 13 -9.43 -9.37 30.24
CA ILE C 13 -9.63 -8.12 29.53
C ILE C 13 -9.00 -8.17 28.14
N ASP C 14 -9.85 -8.01 27.14
CA ASP C 14 -9.48 -7.74 25.71
C ASP C 14 -8.64 -6.45 25.66
N ILE C 15 -7.58 -6.43 24.85
CA ILE C 15 -6.71 -5.26 24.72
C ILE C 15 -7.27 -4.30 23.71
N ASP C 16 -7.41 -4.77 22.47
CA ASP C 16 -7.75 -3.83 21.40
CA ASP C 16 -7.77 -3.84 21.41
C ASP C 16 -9.25 -3.43 21.46
N GLY C 17 -9.50 -2.14 21.42
CA GLY C 17 -10.85 -1.56 21.64
C GLY C 17 -11.24 -1.32 23.10
N VAL C 18 -10.40 -1.72 24.05
CA VAL C 18 -10.66 -1.55 25.48
C VAL C 18 -9.53 -0.72 26.10
N ILE C 19 -8.27 -1.16 25.91
CA ILE C 19 -7.08 -0.53 26.47
C ILE C 19 -6.33 0.32 25.46
N GLY C 20 -6.30 -0.16 24.20
CA GLY C 20 -5.64 0.55 23.12
C GLY C 20 -6.21 0.20 21.76
N LYS C 21 -5.85 0.97 20.75
CA LYS C 21 -6.04 0.58 19.35
C LYS C 21 -4.65 0.55 18.79
N SER C 22 -4.08 -0.63 18.69
CA SER C 22 -2.73 -0.79 18.32
C SER C 22 -1.83 0.02 19.31
N VAL C 23 -0.98 0.91 18.78
CA VAL C 23 -0.02 1.65 19.58
C VAL C 23 -0.64 2.86 20.24
N THR C 24 -1.93 3.07 20.08
CA THR C 24 -2.58 4.23 20.66
C THR C 24 -3.39 3.89 21.91
N PRO C 25 -3.00 4.43 23.07
CA PRO C 25 -3.80 4.07 24.26
C PRO C 25 -5.23 4.64 24.23
N ILE C 26 -6.16 3.93 24.88
CA ILE C 26 -7.51 4.44 25.11
C ILE C 26 -7.48 4.89 26.55
N PRO C 27 -7.49 6.23 26.79
CA PRO C 27 -7.24 6.73 28.12
C PRO C 27 -8.17 6.21 29.21
N GLU C 28 -9.46 6.07 28.91
CA GLU C 28 -10.44 5.56 29.89
CA GLU C 28 -10.44 5.55 29.90
C GLU C 28 -10.21 4.06 30.13
N GLY C 29 -9.66 3.38 29.14
CA GLY C 29 -9.27 2.01 29.33
C GLY C 29 -8.08 1.89 30.25
N VAL C 30 -7.04 2.68 29.94
CA VAL C 30 -5.85 2.63 30.76
C VAL C 30 -6.21 2.99 32.22
N GLU C 31 -7.00 4.06 32.42
CA GLU C 31 -7.35 4.47 33.78
CA GLU C 31 -7.41 4.50 33.76
C GLU C 31 -8.19 3.38 34.45
N GLY C 32 -9.04 2.70 33.68
CA GLY C 32 -9.80 1.56 34.18
C GLY C 32 -8.95 0.44 34.72
N VAL C 33 -7.90 0.08 33.97
CA VAL C 33 -6.95 -0.90 34.51
C VAL C 33 -6.29 -0.41 35.79
N LYS C 34 -5.79 0.83 35.78
CA LYS C 34 -5.05 1.34 36.93
C LYS C 34 -5.95 1.26 38.13
N LYS C 35 -7.22 1.64 37.97
CA LYS C 35 -8.19 1.60 39.07
CA LYS C 35 -8.20 1.60 39.06
C LYS C 35 -8.40 0.15 39.52
N LEU C 36 -8.54 -0.77 38.56
CA LEU C 36 -8.75 -2.18 38.92
C LEU C 36 -7.61 -2.75 39.76
N LYS C 37 -6.38 -2.40 39.39
CA LYS C 37 -5.20 -2.83 40.13
CA LYS C 37 -5.21 -2.84 40.13
C LYS C 37 -5.09 -2.14 41.48
N GLU C 38 -5.55 -0.89 41.54
CA GLU C 38 -5.57 -0.16 42.82
C GLU C 38 -6.59 -0.78 43.75
N LEU C 39 -7.53 -1.54 43.19
CA LEU C 39 -8.55 -2.29 43.96
C LEU C 39 -8.07 -3.69 44.29
N GLY C 40 -6.88 -4.05 43.83
CA GLY C 40 -6.32 -5.37 44.11
C GLY C 40 -6.94 -6.50 43.30
N LYS C 41 -7.51 -6.21 42.13
CA LYS C 41 -8.12 -7.30 41.35
C LYS C 41 -7.06 -7.99 40.52
N LYS C 42 -7.27 -9.28 40.25
CA LYS C 42 -6.43 -10.02 39.35
C LYS C 42 -6.86 -9.71 37.89
N ILE C 43 -5.90 -9.57 36.99
CA ILE C 43 -6.24 -9.28 35.59
C ILE C 43 -5.40 -10.18 34.70
N ILE C 44 -5.94 -10.61 33.57
CA ILE C 44 -5.14 -11.16 32.49
C ILE C 44 -5.66 -10.47 31.23
N PHE C 45 -4.74 -9.89 30.48
CA PHE C 45 -5.06 -9.35 29.13
C PHE C 45 -4.97 -10.46 28.11
N VAL C 46 -6.07 -10.64 27.36
CA VAL C 46 -6.19 -11.73 26.38
C VAL C 46 -6.45 -11.08 25.00
N SER C 47 -5.55 -11.34 24.04
CA SER C 47 -5.64 -10.75 22.71
C SER C 47 -5.43 -11.82 21.64
N ASN C 48 -6.24 -11.68 20.60
CA ASN C 48 -6.21 -12.54 19.43
C ASN C 48 -5.14 -12.15 18.43
N ASN C 49 -4.31 -11.16 18.77
CA ASN C 49 -3.28 -10.67 17.87
C ASN C 49 -2.38 -11.83 17.44
N SER C 50 -2.26 -12.02 16.14
CA SER C 50 -1.51 -13.19 15.66
C SER C 50 -0.13 -12.85 15.19
N THR C 51 0.27 -11.58 15.28
CA THR C 51 1.55 -11.21 14.75
C THR C 51 2.51 -10.64 15.83
N ARG C 52 2.00 -10.36 17.03
CA ARG C 52 2.80 -9.78 18.10
C ARG C 52 3.16 -10.76 19.20
N SER C 53 4.44 -10.74 19.55
CA SER C 53 4.97 -11.52 20.63
C SER C 53 4.39 -11.07 21.95
N ARG C 54 4.51 -11.94 22.95
CA ARG C 54 4.16 -11.53 24.29
C ARG C 54 5.00 -10.34 24.74
N ARG C 55 6.29 -10.37 24.51
CA ARG C 55 7.15 -9.31 25.00
C ARG C 55 6.80 -7.95 24.40
N ILE C 56 6.49 -7.92 23.11
CA ILE C 56 6.19 -6.65 22.46
C ILE C 56 4.94 -6.07 23.08
N LEU C 57 3.93 -6.90 23.35
CA LEU C 57 2.69 -6.36 23.93
C LEU C 57 2.83 -5.97 25.37
N LEU C 58 3.66 -6.70 26.10
CA LEU C 58 3.96 -6.34 27.52
C LEU C 58 4.64 -4.99 27.60
N GLU C 59 5.66 -4.78 26.76
CA GLU C 59 6.39 -3.53 26.69
C GLU C 59 5.45 -2.42 26.25
N ARG C 60 4.54 -2.75 25.35
CA ARG C 60 3.55 -1.80 24.87
C ARG C 60 2.61 -1.34 25.98
N LEU C 61 1.99 -2.30 26.65
CA LEU C 61 1.12 -1.96 27.75
C LEU C 61 1.88 -1.17 28.84
N ARG C 62 3.14 -1.53 29.12
CA ARG C 62 3.92 -0.77 30.12
C ARG C 62 4.16 0.65 29.66
N SER C 63 4.34 0.83 28.35
CA SER C 63 4.54 2.15 27.77
C SER C 63 3.27 2.99 27.89
N PHE C 64 2.10 2.35 28.03
CA PHE C 64 0.87 3.08 28.32
C PHE C 64 0.81 3.55 29.82
N GLY C 65 1.82 3.16 30.60
CA GLY C 65 1.90 3.52 32.02
C GLY C 65 1.22 2.51 32.91
N LEU C 66 1.05 1.27 32.42
CA LEU C 66 0.43 0.24 33.20
C LEU C 66 1.48 -0.67 33.81
N GLU C 67 1.12 -1.21 34.96
CA GLU C 67 1.97 -2.12 35.69
C GLU C 67 1.55 -3.52 35.35
N VAL C 68 2.33 -4.20 34.51
CA VAL C 68 1.89 -5.46 33.98
C VAL C 68 2.97 -6.49 34.14
N GLY C 69 2.58 -7.67 34.57
CA GLY C 69 3.50 -8.76 34.74
C GLY C 69 3.40 -9.67 33.51
N GLU C 70 4.50 -10.32 33.22
CA GLU C 70 4.61 -11.24 32.07
C GLU C 70 3.49 -12.29 32.09
N ASP C 71 3.12 -12.77 33.27
CA ASP C 71 2.02 -13.70 33.36
C ASP C 71 0.62 -13.03 33.25
N GLU C 72 0.52 -11.70 33.10
CA GLU C 72 -0.77 -11.08 32.92
C GLU C 72 -1.11 -10.84 31.43
N ILE C 73 -0.31 -11.39 30.52
CA ILE C 73 -0.57 -11.20 29.09
C ILE C 73 -0.67 -12.58 28.42
N LEU C 74 -1.82 -12.84 27.83
CA LEU C 74 -2.03 -14.06 27.06
C LEU C 74 -2.43 -13.69 25.62
N VAL C 75 -1.44 -13.65 24.75
CA VAL C 75 -1.69 -13.30 23.35
C VAL C 75 -1.69 -14.60 22.54
N ALA C 76 -2.47 -14.61 21.45
CA ALA C 76 -2.67 -15.83 20.65
C ALA C 76 -1.39 -16.39 20.09
N THR C 77 -0.37 -15.55 19.87
CA THR C 77 0.91 -16.10 19.40
C THR C 77 1.53 -17.05 20.41
N TYR C 78 1.73 -16.55 21.64
CA TYR C 78 2.21 -17.31 22.74
C TYR C 78 1.31 -18.53 23.06
N ALA C 79 -0.01 -18.32 23.15
CA ALA C 79 -0.99 -19.36 23.41
C ALA C 79 -0.95 -20.52 22.42
N THR C 80 -0.74 -20.18 21.15
CA THR C 80 -0.61 -21.15 20.11
C THR C 80 0.67 -21.94 20.24
N ALA C 81 1.77 -21.23 20.41
CA ALA C 81 3.09 -21.89 20.56
C ALA C 81 3.10 -22.86 21.75
N ARG C 82 2.48 -22.46 22.86
CA ARG C 82 2.51 -23.31 24.03
CA ARG C 82 2.39 -23.23 24.11
C ARG C 82 1.54 -24.47 23.97
N PHE C 83 0.39 -24.29 23.33
CA PHE C 83 -0.50 -25.36 23.01
C PHE C 83 0.21 -26.45 22.26
N ILE C 84 0.90 -26.08 21.20
CA ILE C 84 1.63 -27.07 20.41
C ILE C 84 2.78 -27.71 21.20
N ALA C 85 3.60 -26.88 21.86
CA ALA C 85 4.73 -27.38 22.68
C ALA C 85 4.31 -28.40 23.74
N ARG C 86 3.14 -28.17 24.32
CA ARG C 86 2.55 -29.09 25.28
CA ARG C 86 2.56 -29.09 25.28
C ARG C 86 2.28 -30.44 24.65
N GLU C 87 1.69 -30.44 23.44
CA GLU C 87 1.30 -31.68 22.78
C GLU C 87 2.51 -32.42 22.29
N LYS C 88 3.50 -31.69 21.79
CA LYS C 88 4.61 -32.30 21.12
C LYS C 88 5.81 -31.40 21.23
N PRO C 89 6.56 -31.57 22.34
CA PRO C 89 7.78 -30.80 22.53
C PRO C 89 8.68 -30.90 21.29
N ASN C 90 9.30 -29.77 20.93
CA ASN C 90 10.19 -29.65 19.78
C ASN C 90 9.52 -30.01 18.46
N ALA C 91 8.20 -29.88 18.39
CA ALA C 91 7.48 -30.17 17.15
C ALA C 91 8.06 -29.37 16.01
N LYS C 92 8.10 -29.97 14.82
CA LYS C 92 8.50 -29.22 13.64
C LYS C 92 7.26 -28.52 13.08
N VAL C 93 7.34 -27.19 12.88
CA VAL C 93 6.19 -26.41 12.43
CA VAL C 93 6.20 -26.40 12.43
C VAL C 93 6.50 -25.66 11.11
N PHE C 94 5.50 -25.57 10.24
CA PHE C 94 5.50 -24.66 9.13
C PHE C 94 4.41 -23.64 9.43
N THR C 95 4.77 -22.34 9.36
CA THR C 95 3.76 -21.29 9.63
C THR C 95 3.57 -20.27 8.48
N THR C 96 2.34 -19.81 8.30
CA THR C 96 2.03 -18.77 7.32
C THR C 96 2.30 -17.41 7.92
N GLY C 97 2.69 -17.41 9.20
CA GLY C 97 2.66 -16.23 10.04
C GLY C 97 3.89 -15.35 10.06
N GLU C 98 3.83 -14.33 10.88
CA GLU C 98 4.77 -13.24 10.81
C GLU C 98 5.53 -13.21 12.11
N GLU C 99 6.62 -12.50 12.07
CA GLU C 99 7.09 -11.75 13.19
CA GLU C 99 7.20 -11.81 13.18
C GLU C 99 6.96 -12.42 14.58
N GLY C 100 5.99 -11.96 15.34
CA GLY C 100 5.89 -12.42 16.71
C GLY C 100 5.45 -13.85 16.85
N LEU C 101 4.75 -14.38 15.86
CA LEU C 101 4.33 -15.76 15.98
C LEU C 101 5.55 -16.64 15.82
N ILE C 102 6.43 -16.30 14.89
CA ILE C 102 7.67 -17.04 14.72
C ILE C 102 8.50 -17.00 16.01
N GLU C 103 8.60 -15.81 16.61
CA GLU C 103 9.33 -15.63 17.88
C GLU C 103 8.79 -16.55 18.96
N GLU C 104 7.47 -16.57 19.19
CA GLU C 104 6.88 -17.38 20.25
C GLU C 104 7.00 -18.88 19.95
N LEU C 105 6.87 -19.26 18.68
CA LEU C 105 7.18 -20.65 18.31
C LEU C 105 8.61 -21.06 18.70
N ARG C 106 9.61 -20.18 18.45
CA ARG C 106 11.01 -20.48 18.76
C ARG C 106 11.16 -20.51 20.29
N LEU C 107 10.64 -19.51 20.98
CA LEU C 107 10.68 -19.48 22.43
C LEU C 107 10.08 -20.74 23.06
N ALA C 108 9.09 -21.32 22.40
CA ALA C 108 8.38 -22.43 22.98
C ALA C 108 9.17 -23.76 22.76
N GLY C 109 10.30 -23.64 22.11
CA GLY C 109 11.15 -24.78 21.74
C GLY C 109 10.82 -25.48 20.42
N LEU C 110 10.00 -24.86 19.60
CA LEU C 110 9.55 -25.48 18.38
C LEU C 110 10.55 -25.25 17.26
N GLU C 111 10.46 -26.03 16.22
CA GLU C 111 11.44 -25.94 15.17
C GLU C 111 10.74 -25.52 13.90
N ILE C 112 11.20 -24.42 13.28
CA ILE C 112 10.57 -23.98 12.02
C ILE C 112 11.20 -24.70 10.84
N VAL C 113 10.41 -25.41 10.05
CA VAL C 113 10.96 -26.17 8.91
C VAL C 113 10.10 -25.88 7.69
N ASP C 114 10.51 -26.40 6.53
CA ASP C 114 9.72 -26.37 5.30
C ASP C 114 8.45 -27.20 5.42
N TYR C 115 7.53 -26.95 4.48
CA TYR C 115 6.19 -27.55 4.48
C TYR C 115 6.18 -29.06 4.34
N ASP C 116 7.16 -29.59 3.62
CA ASP C 116 7.23 -31.02 3.43
C ASP C 116 7.82 -31.74 4.62
N GLU C 117 8.39 -31.01 5.59
CA GLU C 117 8.95 -31.59 6.81
C GLU C 117 8.10 -31.38 8.06
N ALA C 118 7.10 -30.51 7.96
CA ALA C 118 6.37 -30.06 9.13
C ALA C 118 5.47 -31.17 9.70
N GLU C 119 5.34 -31.17 11.02
CA GLU C 119 4.39 -32.01 11.77
C GLU C 119 3.13 -31.20 12.08
N TYR C 120 3.28 -29.88 12.12
CA TYR C 120 2.17 -28.93 12.31
C TYR C 120 2.16 -27.81 11.25
N LEU C 121 0.97 -27.56 10.70
CA LEU C 121 0.69 -26.32 9.97
C LEU C 121 0.09 -25.32 10.95
N VAL C 122 0.77 -24.20 11.14
CA VAL C 122 0.28 -23.14 11.99
C VAL C 122 -0.12 -21.95 11.11
N VAL C 123 -1.41 -21.63 11.11
CA VAL C 123 -1.89 -20.47 10.35
C VAL C 123 -2.01 -19.30 11.24
N GLY C 124 -1.20 -18.27 10.95
CA GLY C 124 -1.45 -16.92 11.45
C GLY C 124 -1.47 -15.89 10.30
N SER C 125 -2.05 -14.74 10.54
CA SER C 125 -2.12 -13.66 9.54
CA SER C 125 -2.12 -13.68 9.51
C SER C 125 -0.73 -13.17 9.11
N ASN C 126 -0.64 -12.57 7.94
CA ASN C 126 0.65 -12.10 7.49
C ASN C 126 0.49 -11.00 6.50
N ARG C 127 0.95 -9.81 6.90
CA ARG C 127 0.86 -8.67 6.03
CA ARG C 127 0.90 -8.65 6.04
C ARG C 127 1.79 -8.86 4.83
N LYS C 128 2.77 -9.79 4.92
CA LYS C 128 3.60 -10.12 3.75
C LYS C 128 3.15 -11.39 3.03
N ILE C 129 1.90 -11.81 3.24
CA ILE C 129 1.37 -12.97 2.51
C ILE C 129 1.62 -12.81 1.00
N ASN C 130 2.00 -13.90 0.36
CA ASN C 130 2.20 -13.92 -1.07
C ASN C 130 1.85 -15.28 -1.66
N PHE C 131 1.92 -15.39 -2.98
CA PHE C 131 1.61 -16.65 -3.69
C PHE C 131 2.47 -17.81 -3.20
N GLU C 132 3.75 -17.56 -3.01
CA GLU C 132 4.66 -18.64 -2.70
C GLU C 132 4.27 -19.20 -1.33
N LEU C 133 4.00 -18.31 -0.38
CA LEU C 133 3.57 -18.73 0.99
C LEU C 133 2.25 -19.50 1.00
N MSE C 134 1.27 -19.04 0.24
CA MSE C 134 0.01 -19.79 0.10
C MSE C 134 0.20 -21.14 -0.59
O MSE C 134 -0.50 -22.10 -0.25
CB MSE C 134 -1.01 -18.98 -0.69
CG MSE C 134 -1.47 -17.77 0.02
SE MSE C 134 -2.38 -18.25 1.69
CE MSE C 134 -3.39 -19.58 1.02
N THR C 135 1.11 -21.23 -1.56
CA THR C 135 1.47 -22.48 -2.20
C THR C 135 2.00 -23.42 -1.15
N LYS C 136 2.91 -22.93 -0.31
CA LYS C 136 3.44 -23.79 0.78
C LYS C 136 2.35 -24.21 1.78
N ALA C 137 1.51 -23.26 2.19
CA ALA C 137 0.41 -23.56 3.07
C ALA C 137 -0.51 -24.59 2.46
N LEU C 138 -0.88 -24.43 1.19
CA LEU C 138 -1.68 -25.40 0.53
C LEU C 138 -1.07 -26.82 0.62
N ARG C 139 0.20 -26.96 0.24
CA ARG C 139 0.79 -28.26 0.17
C ARG C 139 0.83 -28.82 1.58
N ALA C 140 1.11 -28.00 2.59
CA ALA C 140 1.15 -28.50 3.97
C ALA C 140 -0.18 -29.02 4.36
N CYS C 141 -1.25 -28.34 3.91
CA CYS C 141 -2.60 -28.63 4.36
C CYS C 141 -3.02 -29.95 3.75
N LEU C 142 -2.62 -30.15 2.50
CA LEU C 142 -2.95 -31.32 1.72
C LEU C 142 -2.22 -32.56 2.18
N ARG C 143 -1.09 -32.41 2.87
CA ARG C 143 -0.42 -33.58 3.46
C ARG C 143 -1.20 -34.17 4.64
N GLY C 144 -2.15 -33.40 5.18
CA GLY C 144 -3.01 -33.84 6.25
C GLY C 144 -2.40 -33.64 7.61
N ILE C 145 -1.30 -32.86 7.68
CA ILE C 145 -0.67 -32.60 8.97
C ILE C 145 -1.62 -31.81 9.91
N ARG C 146 -1.36 -31.94 11.20
CA ARG C 146 -2.17 -31.33 12.21
C ARG C 146 -2.11 -29.79 12.07
N TYR C 147 -3.28 -29.19 12.12
CA TYR C 147 -3.54 -27.86 11.57
C TYR C 147 -4.10 -26.97 12.68
N ILE C 148 -3.29 -26.02 13.11
CA ILE C 148 -3.68 -25.10 14.18
C ILE C 148 -3.73 -23.67 13.61
N ALA C 149 -4.77 -22.93 13.96
CA ALA C 149 -4.89 -21.49 13.65
C ALA C 149 -4.81 -20.67 14.92
N THR C 150 -4.10 -19.57 14.85
CA THR C 150 -3.93 -18.70 15.99
C THR C 150 -5.27 -18.05 16.42
N ASN C 151 -6.11 -17.74 15.46
CA ASN C 151 -7.32 -17.01 15.72
C ASN C 151 -8.24 -17.08 14.50
N PRO C 152 -9.56 -16.99 14.73
CA PRO C 152 -10.43 -17.19 13.61
C PRO C 152 -10.84 -15.92 12.92
N ASP C 153 -10.52 -14.76 13.47
CA ASP C 153 -11.09 -13.49 13.01
C ASP C 153 -11.02 -13.27 11.48
N ARG C 154 -12.17 -12.94 10.89
CA ARG C 154 -12.27 -12.81 9.46
C ARG C 154 -11.70 -11.52 8.92
N ILE C 155 -11.99 -10.43 9.64
CA ILE C 155 -11.75 -9.08 9.21
C ILE C 155 -11.27 -8.25 10.42
N PHE C 156 -10.43 -7.24 10.20
CA PHE C 156 -9.91 -6.33 11.25
C PHE C 156 -10.28 -4.90 10.88
N PRO C 157 -10.80 -4.10 11.84
CA PRO C 157 -11.17 -2.72 11.49
C PRO C 157 -10.01 -1.72 11.56
N ALA C 158 -9.38 -1.48 10.42
CA ALA C 158 -8.23 -0.58 10.32
C ALA C 158 -8.73 0.85 10.11
N GLU C 159 -7.93 1.84 10.52
CA GLU C 159 -8.39 3.24 10.53
C GLU C 159 -9.10 3.63 9.22
N ASP C 160 -8.55 3.16 8.10
CA ASP C 160 -9.15 3.51 6.81
C ASP C 160 -10.11 2.46 6.23
N GLY C 161 -10.50 1.45 7.04
CA GLY C 161 -11.48 0.43 6.60
C GLY C 161 -11.16 -1.02 6.99
N PRO C 162 -12.02 -1.97 6.59
CA PRO C 162 -11.75 -3.39 6.86
C PRO C 162 -10.45 -3.90 6.19
N ILE C 163 -9.65 -4.67 6.91
CA ILE C 163 -8.59 -5.47 6.28
C ILE C 163 -8.71 -6.96 6.62
N PRO C 164 -8.10 -7.83 5.80
CA PRO C 164 -8.22 -9.25 6.10
C PRO C 164 -7.56 -9.59 7.42
N GLY C 165 -8.16 -10.54 8.13
CA GLY C 165 -7.61 -11.14 9.32
C GLY C 165 -7.14 -12.56 9.03
N THR C 166 -6.80 -13.29 10.07
CA THR C 166 -6.32 -14.65 9.90
C THR C 166 -7.30 -15.52 9.12
N GLY C 167 -8.60 -15.25 9.29
CA GLY C 167 -9.63 -15.96 8.54
C GLY C 167 -9.46 -15.96 7.02
N MSE C 168 -8.75 -15.01 6.47
CA MSE C 168 -8.53 -14.99 5.03
CA MSE C 168 -8.51 -14.99 5.02
C MSE C 168 -7.82 -16.29 4.62
O MSE C 168 -8.20 -16.95 3.64
CB MSE C 168 -7.71 -13.78 4.67
CB MSE C 168 -7.62 -13.81 4.63
CG MSE C 168 -7.63 -13.55 3.17
CG MSE C 168 -7.28 -13.77 3.13
SE MSE C 168 -6.22 -14.59 2.37
SE MSE C 168 -5.99 -12.41 2.56
CE MSE C 168 -4.85 -13.22 2.51
CE MSE C 168 -4.46 -12.95 3.57
N ILE C 169 -6.77 -16.62 5.35
CA ILE C 169 -5.96 -17.79 5.03
C ILE C 169 -6.75 -19.05 5.38
N ILE C 170 -7.38 -19.05 6.54
CA ILE C 170 -8.31 -20.16 6.89
C ILE C 170 -9.31 -20.45 5.77
N GLY C 171 -9.88 -19.39 5.22
CA GLY C 171 -10.90 -19.50 4.18
C GLY C 171 -10.35 -20.08 2.88
N ALA C 172 -9.22 -19.54 2.46
CA ALA C 172 -8.50 -20.01 1.27
C ALA C 172 -8.22 -21.49 1.37
N LEU C 173 -7.67 -21.93 2.49
CA LEU C 173 -7.31 -23.34 2.63
C LEU C 173 -8.52 -24.26 2.66
N TYR C 174 -9.56 -23.85 3.35
CA TYR C 174 -10.78 -24.60 3.40
C TYR C 174 -11.37 -24.72 2.01
N TRP C 175 -11.50 -23.63 1.28
CA TRP C 175 -12.11 -23.72 -0.05
C TRP C 175 -11.29 -24.63 -0.98
N MSE C 176 -9.99 -24.60 -0.90
CA MSE C 176 -9.16 -25.40 -1.80
C MSE C 176 -9.04 -26.86 -1.36
O MSE C 176 -8.91 -27.72 -2.20
CB MSE C 176 -7.75 -24.85 -1.91
CG MSE C 176 -7.66 -23.44 -2.57
SE MSE C 176 -5.82 -22.90 -2.89
CE MSE C 176 -5.41 -22.50 -1.06
N THR C 177 -9.01 -27.10 -0.05
CA THR C 177 -8.77 -28.45 0.47
C THR C 177 -9.92 -29.13 1.19
N GLY C 178 -10.92 -28.37 1.62
CA GLY C 178 -11.98 -28.92 2.46
C GLY C 178 -11.62 -28.97 3.96
N ARG C 179 -10.39 -28.67 4.35
CA ARG C 179 -9.98 -28.75 5.75
C ARG C 179 -10.17 -27.41 6.46
N GLU C 180 -10.78 -27.51 7.64
CA GLU C 180 -10.81 -26.46 8.61
C GLU C 180 -9.71 -26.74 9.62
N PRO C 181 -9.34 -25.73 10.40
CA PRO C 181 -8.33 -26.03 11.41
C PRO C 181 -8.80 -27.15 12.34
N ASP C 182 -7.90 -28.02 12.73
CA ASP C 182 -8.19 -28.97 13.78
C ASP C 182 -8.46 -28.24 15.12
N VAL C 183 -7.76 -27.13 15.37
CA VAL C 183 -7.87 -26.39 16.62
C VAL C 183 -7.72 -24.91 16.27
N VAL C 184 -8.60 -24.07 16.79
CA VAL C 184 -8.47 -22.61 16.69
C VAL C 184 -8.17 -22.18 18.13
N VAL C 185 -7.09 -21.44 18.33
CA VAL C 185 -6.68 -21.05 19.68
C VAL C 185 -7.43 -19.83 20.23
N GLY C 186 -7.54 -18.75 19.41
CA GLY C 186 -7.97 -17.44 19.92
C GLY C 186 -9.48 -17.37 20.13
N LYS C 187 -9.91 -16.26 20.72
CA LYS C 187 -11.35 -16.07 21.01
C LYS C 187 -12.19 -16.14 19.74
N PRO C 188 -13.42 -16.68 19.84
CA PRO C 188 -14.10 -17.16 21.06
C PRO C 188 -13.82 -18.61 21.47
N SER C 189 -12.79 -19.25 20.90
CA SER C 189 -12.42 -20.61 21.29
C SER C 189 -12.20 -20.71 22.80
N GLU C 190 -12.57 -21.88 23.34
CA GLU C 190 -12.33 -22.21 24.74
CA GLU C 190 -12.34 -22.22 24.72
C GLU C 190 -10.85 -22.46 24.99
N VAL C 191 -10.06 -22.62 23.93
CA VAL C 191 -8.63 -22.92 24.13
C VAL C 191 -7.90 -21.79 24.85
N ILE C 192 -7.93 -20.60 24.27
CA ILE C 192 -7.28 -19.51 24.95
C ILE C 192 -7.99 -19.13 26.28
N MSE C 193 -9.32 -19.28 26.33
CA MSE C 193 -10.08 -18.83 27.51
C MSE C 193 -9.82 -19.76 28.75
O MSE C 193 -9.62 -19.28 29.87
CB MSE C 193 -11.56 -18.73 27.17
CG MSE C 193 -11.91 -17.63 26.11
SE MSE C 193 -11.30 -15.93 26.61
CE MSE C 193 -12.74 -15.55 27.87
N ARG C 194 -9.78 -21.07 28.51
CA ARG C 194 -9.32 -22.05 29.55
C ARG C 194 -7.89 -21.80 30.03
N GLU C 195 -7.00 -21.53 29.10
CA GLU C 195 -5.66 -21.17 29.48
C GLU C 195 -5.66 -19.88 30.34
N ALA C 196 -6.52 -18.92 30.01
CA ALA C 196 -6.55 -17.68 30.80
C ALA C 196 -6.98 -17.95 32.24
N LEU C 197 -7.97 -18.79 32.41
CA LEU C 197 -8.46 -19.14 33.74
C LEU C 197 -7.38 -19.92 34.55
N ASP C 198 -6.70 -20.85 33.88
CA ASP C 198 -5.59 -21.58 34.46
C ASP C 198 -4.55 -20.59 34.99
N ILE C 199 -4.14 -19.65 34.15
CA ILE C 199 -3.18 -18.63 34.54
C ILE C 199 -3.75 -17.81 35.70
N LEU C 200 -5.02 -17.37 35.61
CA LEU C 200 -5.59 -16.59 36.72
C LEU C 200 -5.66 -17.41 38.02
N GLY C 201 -5.71 -18.72 37.91
CA GLY C 201 -5.93 -19.57 39.06
C GLY C 201 -7.33 -19.37 39.61
N LEU C 202 -8.23 -18.78 38.82
CA LEU C 202 -9.59 -18.49 39.30
C LEU C 202 -10.55 -19.40 38.58
N ASP C 203 -11.71 -19.58 39.18
CA ASP C 203 -12.83 -20.27 38.49
C ASP C 203 -13.67 -19.24 37.73
N ALA C 204 -14.38 -19.68 36.69
CA ALA C 204 -15.14 -18.79 35.85
C ALA C 204 -16.16 -17.93 36.62
N LYS C 205 -16.74 -18.52 37.68
CA LYS C 205 -17.72 -17.84 38.50
C LYS C 205 -17.09 -16.61 39.15
N ASP C 206 -15.77 -16.61 39.29
CA ASP C 206 -15.10 -15.45 39.89
C ASP C 206 -14.46 -14.55 38.87
N VAL C 207 -14.80 -14.75 37.61
CA VAL C 207 -14.15 -13.98 36.52
C VAL C 207 -15.15 -13.27 35.61
N ALA C 208 -14.90 -11.99 35.27
CA ALA C 208 -15.66 -11.34 34.21
C ALA C 208 -14.76 -11.21 33.01
N VAL C 209 -15.38 -11.37 31.83
CA VAL C 209 -14.74 -11.23 30.53
C VAL C 209 -15.23 -9.93 29.92
N VAL C 210 -14.28 -9.05 29.62
CA VAL C 210 -14.52 -7.69 29.17
C VAL C 210 -13.96 -7.52 27.76
N GLY C 211 -14.80 -7.02 26.85
CA GLY C 211 -14.31 -6.74 25.51
C GLY C 211 -15.24 -5.82 24.72
N ASP C 212 -14.86 -5.61 23.45
CA ASP C 212 -15.54 -4.67 22.56
C ASP C 212 -16.31 -5.35 21.43
N GLN C 213 -16.29 -6.67 21.35
CA GLN C 213 -17.04 -7.38 20.29
C GLN C 213 -17.88 -8.52 20.80
N ILE C 214 -19.16 -8.48 20.48
CA ILE C 214 -20.10 -9.49 20.99
C ILE C 214 -19.75 -10.85 20.44
N ASP C 215 -19.43 -10.92 19.14
CA ASP C 215 -19.03 -12.19 18.50
C ASP C 215 -17.72 -12.79 18.99
N VAL C 216 -16.88 -12.02 19.65
CA VAL C 216 -15.58 -12.51 20.00
C VAL C 216 -15.51 -12.64 21.55
N ASP C 217 -15.69 -11.53 22.24
CA ASP C 217 -15.53 -11.46 23.72
C ASP C 217 -16.71 -11.99 24.51
N VAL C 218 -17.92 -11.54 24.16
CA VAL C 218 -19.09 -12.06 24.83
C VAL C 218 -19.26 -13.55 24.52
N ALA C 219 -19.12 -13.90 23.25
CA ALA C 219 -19.16 -15.30 22.87
C ALA C 219 -18.17 -16.11 23.71
N ALA C 220 -16.97 -15.57 23.86
CA ALA C 220 -15.89 -16.23 24.58
C ALA C 220 -16.20 -16.45 26.07
N GLY C 221 -16.77 -15.44 26.73
CA GLY C 221 -17.15 -15.58 28.14
C GLY C 221 -18.30 -16.56 28.33
N LYS C 222 -19.30 -16.46 27.47
CA LYS C 222 -20.44 -17.41 27.46
C LYS C 222 -19.91 -18.86 27.33
N ALA C 223 -18.91 -19.08 26.49
CA ALA C 223 -18.42 -20.43 26.27
C ALA C 223 -17.82 -21.06 27.54
N ILE C 224 -17.28 -20.23 28.44
CA ILE C 224 -16.67 -20.68 29.68
C ILE C 224 -17.53 -20.41 30.94
N GLY C 225 -18.72 -19.88 30.75
CA GLY C 225 -19.60 -19.55 31.85
C GLY C 225 -19.10 -18.47 32.77
N ALA C 226 -18.40 -17.48 32.20
CA ALA C 226 -18.01 -16.28 32.92
C ALA C 226 -19.00 -15.17 32.57
N GLU C 227 -19.28 -14.29 33.52
CA GLU C 227 -20.01 -13.05 33.19
C GLU C 227 -19.32 -12.17 32.13
N THR C 228 -20.13 -11.49 31.30
CA THR C 228 -19.62 -10.76 30.14
C THR C 228 -19.92 -9.28 30.24
N VAL C 229 -18.88 -8.48 29.96
CA VAL C 229 -18.98 -7.03 30.01
C VAL C 229 -18.55 -6.53 28.65
N LEU C 230 -19.45 -5.80 27.99
CA LEU C 230 -19.16 -5.17 26.69
C LEU C 230 -18.90 -3.69 26.98
N VAL C 231 -17.77 -3.21 26.53
CA VAL C 231 -17.46 -1.80 26.54
C VAL C 231 -17.62 -1.22 25.14
N LEU C 232 -17.83 0.10 25.12
CA LEU C 232 -18.18 0.85 23.92
C LEU C 232 -17.09 1.80 23.42
N THR C 233 -15.84 1.50 23.75
CA THR C 233 -14.68 2.23 23.27
C THR C 233 -14.03 1.68 21.98
N GLY C 234 -14.60 0.61 21.40
CA GLY C 234 -13.98 -0.04 20.27
C GLY C 234 -14.96 -0.32 19.15
N VAL C 235 -14.98 -1.55 18.63
CA VAL C 235 -15.86 -1.91 17.51
C VAL C 235 -17.37 -1.58 17.80
N THR C 236 -17.82 -1.84 19.03
CA THR C 236 -19.22 -1.63 19.35
C THR C 236 -19.36 -0.22 19.89
N THR C 237 -20.32 0.52 19.36
CA THR C 237 -20.57 1.90 19.78
C THR C 237 -22.01 2.03 20.23
N ARG C 238 -22.36 3.15 20.87
CA ARG C 238 -23.74 3.37 21.32
C ARG C 238 -24.74 3.26 20.15
N GLU C 239 -24.29 3.68 18.96
CA GLU C 239 -25.10 3.77 17.74
CA GLU C 239 -25.13 3.77 17.76
C GLU C 239 -25.34 2.42 17.07
N ASN C 240 -24.40 1.47 17.19
CA ASN C 240 -24.56 0.17 16.52
C ASN C 240 -24.84 -0.99 17.48
N LEU C 241 -25.05 -0.71 18.76
CA LEU C 241 -25.19 -1.76 19.79
C LEU C 241 -26.35 -2.71 19.51
N ASP C 242 -27.55 -2.15 19.37
CA ASP C 242 -28.73 -2.98 19.15
C ASP C 242 -28.54 -3.75 17.87
N GLN C 243 -27.97 -3.09 16.89
CA GLN C 243 -27.68 -3.69 15.59
C GLN C 243 -26.67 -4.83 15.75
N MSE C 244 -25.64 -4.59 16.57
CA MSE C 244 -24.68 -5.63 16.86
C MSE C 244 -25.29 -6.82 17.63
O MSE C 244 -25.00 -7.97 17.30
CB MSE C 244 -23.48 -5.05 17.61
CG MSE C 244 -22.54 -4.19 16.73
SE MSE C 244 -21.89 -5.15 15.19
CE MSE C 244 -20.01 -4.92 15.48
N ILE C 245 -26.15 -6.55 18.62
CA ILE C 245 -26.81 -7.63 19.39
C ILE C 245 -27.68 -8.56 18.49
N GLU C 246 -28.41 -7.95 17.56
CA GLU C 246 -29.19 -8.71 16.60
C GLU C 246 -28.31 -9.50 15.64
N ARG C 247 -27.30 -8.86 15.05
CA ARG C 247 -26.46 -9.59 14.09
C ARG C 247 -25.88 -10.85 14.70
N HIS C 248 -25.49 -10.81 15.97
CA HIS C 248 -24.69 -11.91 16.51
C HIS C 248 -25.46 -12.81 17.41
N GLY C 249 -26.72 -12.50 17.64
CA GLY C 249 -27.57 -13.35 18.46
C GLY C 249 -27.22 -13.41 19.94
N LEU C 250 -26.39 -12.48 20.43
CA LEU C 250 -25.98 -12.49 21.84
C LEU C 250 -26.11 -11.15 22.56
N LYS C 251 -26.38 -11.23 23.85
CA LYS C 251 -26.50 -10.08 24.73
C LYS C 251 -25.38 -10.17 25.76
N PRO C 252 -24.62 -9.09 26.01
CA PRO C 252 -23.76 -9.20 27.19
C PRO C 252 -24.58 -9.14 28.46
N ASP C 253 -23.99 -9.54 29.56
CA ASP C 253 -24.56 -9.34 30.87
C ASP C 253 -24.55 -7.89 31.25
N TYR C 254 -23.50 -7.15 30.85
CA TYR C 254 -23.38 -5.73 31.13
C TYR C 254 -22.80 -4.91 29.97
N VAL C 255 -23.25 -3.65 29.88
CA VAL C 255 -22.74 -2.67 28.92
C VAL C 255 -22.26 -1.43 29.65
N PHE C 256 -21.06 -0.99 29.31
CA PHE C 256 -20.50 0.25 29.85
C PHE C 256 -19.77 0.99 28.73
N ASN C 257 -19.76 2.31 28.83
CA ASN C 257 -19.13 3.12 27.78
C ASN C 257 -17.66 2.75 27.65
N SER C 258 -17.01 2.48 28.77
CA SER C 258 -15.57 2.17 28.82
C SER C 258 -15.27 1.38 30.10
N LEU C 259 -14.09 0.79 30.15
CA LEU C 259 -13.61 0.05 31.31
C LEU C 259 -13.66 0.90 32.59
N LYS C 260 -13.25 2.17 32.49
CA LYS C 260 -13.31 3.08 33.63
C LYS C 260 -14.70 3.12 34.20
N ASP C 261 -15.71 3.22 33.34
CA ASP C 261 -17.11 3.25 33.82
C ASP C 261 -17.48 1.92 34.47
N MSE C 262 -16.93 0.81 34.01
CA MSE C 262 -17.24 -0.51 34.65
C MSE C 262 -16.75 -0.53 36.07
O MSE C 262 -17.42 -1.02 36.97
CB MSE C 262 -16.62 -1.69 33.92
CG MSE C 262 -17.06 -3.07 34.44
SE MSE C 262 -15.74 -4.43 33.98
CE MSE C 262 -14.44 -3.90 35.32
N VAL C 263 -15.56 0.04 36.26
CA VAL C 263 -14.90 -0.01 37.54
C VAL C 263 -15.64 0.91 38.49
N GLU C 264 -16.08 2.07 37.99
CA GLU C 264 -16.81 3.02 38.84
C GLU C 264 -18.12 2.44 39.37
N ALA C 265 -18.79 1.63 38.56
CA ALA C 265 -20.03 0.99 38.98
C ALA C 265 -19.80 -0.12 40.01
N LEU C 266 -18.56 -0.44 40.38
CA LEU C 266 -18.31 -1.54 41.33
C LEU C 266 -18.69 -1.17 42.77
N MSE D 5 -19.15 -43.40 -32.47
CA MSE D 5 -18.95 -41.91 -32.27
C MSE D 5 -19.33 -41.16 -33.51
O MSE D 5 -18.72 -41.35 -34.59
CB MSE D 5 -17.51 -41.51 -31.89
CG MSE D 5 -17.17 -40.00 -32.22
SE MSE D 5 -16.52 -38.79 -30.78
CE MSE D 5 -17.97 -37.56 -30.41
N PRO D 6 -20.33 -40.27 -33.35
CA PRO D 6 -20.78 -39.59 -34.54
C PRO D 6 -19.93 -38.36 -34.82
N ASP D 7 -20.06 -37.94 -36.07
CA ASP D 7 -19.43 -36.77 -36.55
C ASP D 7 -20.01 -35.53 -35.89
N LYS D 8 -19.19 -34.48 -35.73
CA LYS D 8 -19.74 -33.18 -35.37
C LYS D 8 -19.18 -32.11 -36.29
N LYS D 9 -19.89 -31.01 -36.41
CA LYS D 9 -19.40 -29.86 -37.21
C LYS D 9 -18.26 -29.11 -36.55
N GLY D 10 -18.29 -29.08 -35.21
CA GLY D 10 -17.35 -28.31 -34.40
C GLY D 10 -16.94 -28.99 -33.09
N TYR D 11 -15.76 -28.58 -32.61
CA TYR D 11 -15.09 -29.16 -31.43
C TYR D 11 -14.61 -28.02 -30.52
N ILE D 12 -15.03 -28.09 -29.27
CA ILE D 12 -14.49 -27.26 -28.22
C ILE D 12 -13.43 -28.08 -27.51
N ILE D 13 -12.17 -27.65 -27.58
CA ILE D 13 -11.05 -28.46 -27.19
C ILE D 13 -10.24 -27.81 -26.10
N ASP D 14 -10.26 -28.48 -24.96
CA ASP D 14 -9.40 -28.16 -23.81
C ASP D 14 -7.95 -28.24 -24.25
N ILE D 15 -7.13 -27.28 -23.84
CA ILE D 15 -5.70 -27.27 -24.22
C ILE D 15 -4.87 -28.20 -23.30
N ASP D 16 -4.78 -27.87 -22.01
CA ASP D 16 -3.89 -28.64 -21.13
C ASP D 16 -4.40 -30.07 -20.85
N GLY D 17 -3.56 -31.05 -21.06
CA GLY D 17 -3.91 -32.48 -20.95
C GLY D 17 -4.46 -33.07 -22.24
N VAL D 18 -4.64 -32.24 -23.26
CA VAL D 18 -5.16 -32.69 -24.54
C VAL D 18 -4.17 -32.40 -25.66
N ILE D 19 -3.77 -31.15 -25.80
CA ILE D 19 -2.90 -30.73 -26.84
C ILE D 19 -1.49 -30.54 -26.34
N GLY D 20 -1.36 -30.04 -25.11
CA GLY D 20 -0.05 -30.12 -24.46
C GLY D 20 -0.10 -30.11 -22.95
N LYS D 21 1.07 -30.28 -22.34
CA LYS D 21 1.20 -30.13 -20.89
CA LYS D 21 1.19 -30.11 -20.89
C LYS D 21 2.20 -29.02 -20.69
N SER D 22 1.70 -27.88 -20.23
CA SER D 22 2.54 -26.75 -20.09
C SER D 22 3.16 -26.56 -21.49
N VAL D 23 4.45 -26.22 -21.54
CA VAL D 23 5.15 -26.00 -22.80
C VAL D 23 5.42 -27.28 -23.63
N THR D 24 5.19 -28.48 -23.11
CA THR D 24 5.50 -29.70 -23.90
C THR D 24 4.25 -30.14 -24.71
N PRO D 25 4.42 -30.40 -26.03
CA PRO D 25 3.27 -30.87 -26.81
C PRO D 25 2.92 -32.32 -26.51
N ILE D 26 1.64 -32.63 -26.64
CA ILE D 26 1.19 -34.00 -26.61
C ILE D 26 1.05 -34.33 -28.07
N PRO D 27 1.99 -35.15 -28.58
CA PRO D 27 2.07 -35.44 -30.01
C PRO D 27 0.72 -35.86 -30.59
N GLU D 28 0.01 -36.73 -29.88
CA GLU D 28 -1.27 -37.25 -30.37
CA GLU D 28 -1.27 -37.24 -30.42
C GLU D 28 -2.34 -36.13 -30.42
N GLY D 29 -2.25 -35.20 -29.50
CA GLY D 29 -3.13 -34.04 -29.48
C GLY D 29 -2.88 -33.17 -30.70
N VAL D 30 -1.62 -32.79 -30.91
CA VAL D 30 -1.21 -31.94 -32.07
C VAL D 30 -1.63 -32.63 -33.37
N GLU D 31 -1.38 -33.92 -33.49
CA GLU D 31 -1.73 -34.66 -34.71
C GLU D 31 -3.25 -34.63 -34.84
N GLY D 32 -3.96 -34.84 -33.73
CA GLY D 32 -5.42 -34.85 -33.76
C GLY D 32 -6.03 -33.58 -34.33
N VAL D 33 -5.55 -32.45 -33.84
CA VAL D 33 -5.99 -31.14 -34.35
C VAL D 33 -5.76 -31.01 -35.83
N LYS D 34 -4.56 -31.34 -36.28
CA LYS D 34 -4.27 -31.26 -37.71
C LYS D 34 -5.24 -32.09 -38.55
N LYS D 35 -5.50 -33.34 -38.14
CA LYS D 35 -6.49 -34.19 -38.85
CA LYS D 35 -6.48 -34.18 -38.86
C LYS D 35 -7.88 -33.56 -38.83
N LEU D 36 -8.30 -32.99 -37.71
CA LEU D 36 -9.61 -32.35 -37.66
C LEU D 36 -9.73 -31.22 -38.65
N LYS D 37 -8.67 -30.41 -38.77
CA LYS D 37 -8.70 -29.30 -39.70
C LYS D 37 -8.74 -29.87 -41.13
N GLU D 38 -7.92 -30.89 -41.38
CA GLU D 38 -7.88 -31.64 -42.66
C GLU D 38 -9.30 -32.06 -43.12
N LEU D 39 -10.08 -32.53 -42.15
CA LEU D 39 -11.50 -32.92 -42.35
C LEU D 39 -12.51 -31.78 -42.42
N GLY D 40 -12.04 -30.55 -42.36
CA GLY D 40 -12.90 -29.40 -42.41
C GLY D 40 -13.82 -29.19 -41.23
N LYS D 41 -13.33 -29.50 -40.03
CA LYS D 41 -14.10 -29.25 -38.81
C LYS D 41 -13.75 -27.89 -38.24
N LYS D 42 -14.72 -27.22 -37.58
CA LYS D 42 -14.45 -25.97 -36.86
C LYS D 42 -13.97 -26.33 -35.49
N ILE D 43 -13.03 -25.55 -35.00
CA ILE D 43 -12.41 -25.82 -33.75
C ILE D 43 -12.31 -24.56 -32.95
N ILE D 44 -12.48 -24.70 -31.65
CA ILE D 44 -12.06 -23.65 -30.76
C ILE D 44 -11.38 -24.28 -29.54
N PHE D 45 -10.23 -23.70 -29.19
CA PHE D 45 -9.47 -24.07 -28.02
C PHE D 45 -9.96 -23.22 -26.88
N VAL D 46 -10.14 -23.88 -25.74
CA VAL D 46 -10.71 -23.26 -24.53
C VAL D 46 -9.82 -23.59 -23.35
N SER D 47 -9.60 -22.56 -22.54
CA SER D 47 -8.66 -22.63 -21.45
C SER D 47 -9.23 -21.77 -20.30
N ASN D 48 -9.21 -22.35 -19.10
CA ASN D 48 -9.72 -21.70 -17.88
C ASN D 48 -8.65 -20.82 -17.17
N ASN D 49 -7.38 -21.27 -17.23
CA ASN D 49 -6.28 -20.75 -16.43
C ASN D 49 -6.17 -19.23 -16.60
N SER D 50 -6.56 -18.48 -15.57
CA SER D 50 -6.61 -17.00 -15.59
C SER D 50 -5.18 -16.34 -15.62
N THR D 51 -4.12 -17.13 -15.37
CA THR D 51 -2.71 -16.62 -15.43
C THR D 51 -1.94 -17.09 -16.64
N ARG D 52 -2.65 -17.53 -17.67
N ARG D 52 -2.66 -17.53 -17.68
CA ARG D 52 -1.97 -17.92 -18.90
CA ARG D 52 -2.00 -17.93 -18.91
C ARG D 52 -2.63 -17.20 -20.06
C ARG D 52 -2.64 -17.20 -20.07
N SER D 53 -1.96 -16.14 -20.50
CA SER D 53 -2.48 -15.21 -21.50
C SER D 53 -2.90 -15.83 -22.81
N ARG D 54 -3.69 -15.06 -23.54
CA ARG D 54 -4.13 -15.41 -24.84
C ARG D 54 -2.94 -15.57 -25.82
N ARG D 55 -2.07 -14.54 -25.86
CA ARG D 55 -0.95 -14.61 -26.77
C ARG D 55 0.05 -15.65 -26.29
N ILE D 56 0.15 -15.90 -25.00
CA ILE D 56 1.04 -16.96 -24.54
C ILE D 56 0.56 -18.24 -25.16
N LEU D 57 -0.74 -18.52 -25.05
CA LEU D 57 -1.27 -19.81 -25.53
C LEU D 57 -1.33 -19.86 -27.07
N LEU D 58 -1.78 -18.76 -27.68
CA LEU D 58 -1.79 -18.67 -29.14
C LEU D 58 -0.37 -18.97 -29.64
N GLU D 59 0.59 -18.28 -29.07
CA GLU D 59 1.98 -18.52 -29.41
C GLU D 59 2.46 -19.92 -29.02
N ARG D 60 2.02 -20.45 -27.88
CA ARG D 60 2.36 -21.86 -27.56
C ARG D 60 1.76 -22.82 -28.58
N LEU D 61 0.50 -22.64 -28.90
CA LEU D 61 -0.18 -23.53 -29.84
C LEU D 61 0.54 -23.48 -31.16
N ARG D 62 0.76 -22.26 -31.65
CA ARG D 62 1.50 -22.11 -32.90
C ARG D 62 2.88 -22.76 -32.84
N SER D 63 3.56 -22.62 -31.70
CA SER D 63 4.88 -23.26 -31.47
C SER D 63 4.82 -24.80 -31.49
N PHE D 64 3.64 -25.40 -31.32
CA PHE D 64 3.54 -26.86 -31.44
C PHE D 64 3.47 -27.32 -32.90
N GLY D 65 3.36 -26.36 -33.80
CA GLY D 65 3.35 -26.64 -35.23
C GLY D 65 1.96 -26.48 -35.78
N LEU D 66 1.08 -25.84 -35.01
CA LEU D 66 -0.31 -25.70 -35.38
C LEU D 66 -0.57 -24.34 -35.98
N GLU D 67 -1.48 -24.32 -36.94
CA GLU D 67 -1.99 -23.09 -37.47
C GLU D 67 -3.25 -22.73 -36.71
N VAL D 68 -3.29 -21.56 -36.11
CA VAL D 68 -4.43 -21.20 -35.26
C VAL D 68 -4.74 -19.72 -35.43
N GLY D 69 -5.99 -19.42 -35.70
CA GLY D 69 -6.44 -18.03 -35.80
C GLY D 69 -6.87 -17.45 -34.46
N GLU D 70 -6.94 -16.13 -34.40
CA GLU D 70 -7.35 -15.44 -33.18
C GLU D 70 -8.83 -15.73 -32.82
N ASP D 71 -9.64 -16.07 -33.83
CA ASP D 71 -11.02 -16.56 -33.60
C ASP D 71 -11.11 -18.05 -33.16
N GLU D 72 -9.99 -18.67 -32.84
CA GLU D 72 -9.95 -20.09 -32.54
C GLU D 72 -9.39 -20.36 -31.14
N ILE D 73 -9.30 -19.32 -30.32
CA ILE D 73 -8.91 -19.49 -28.94
C ILE D 73 -9.77 -18.64 -28.01
N LEU D 74 -10.29 -19.31 -26.98
CA LEU D 74 -11.07 -18.68 -25.96
C LEU D 74 -10.47 -19.01 -24.59
N VAL D 75 -9.91 -17.97 -23.98
CA VAL D 75 -9.36 -18.00 -22.66
C VAL D 75 -10.40 -17.38 -21.70
N ALA D 76 -10.44 -17.80 -20.43
CA ALA D 76 -11.48 -17.32 -19.49
C ALA D 76 -11.42 -15.83 -19.22
N THR D 77 -10.22 -15.28 -19.22
CA THR D 77 -9.99 -13.82 -19.08
C THR D 77 -10.71 -13.00 -20.15
N TYR D 78 -10.54 -13.44 -21.40
CA TYR D 78 -11.27 -12.88 -22.54
C TYR D 78 -12.81 -13.05 -22.47
N ALA D 79 -13.26 -14.23 -22.05
CA ALA D 79 -14.69 -14.52 -21.93
C ALA D 79 -15.34 -13.65 -20.83
N THR D 80 -14.60 -13.48 -19.74
CA THR D 80 -15.01 -12.57 -18.66
C THR D 80 -15.17 -11.14 -19.15
N ALA D 81 -14.19 -10.60 -19.89
CA ALA D 81 -14.29 -9.23 -20.44
C ALA D 81 -15.51 -9.07 -21.35
N ARG D 82 -15.67 -10.00 -22.31
CA ARG D 82 -16.83 -10.04 -23.22
C ARG D 82 -18.13 -10.01 -22.40
N PHE D 83 -18.19 -10.87 -21.38
CA PHE D 83 -19.42 -11.02 -20.58
C PHE D 83 -19.81 -9.70 -19.95
N ILE D 84 -18.83 -9.06 -19.30
CA ILE D 84 -19.06 -7.82 -18.63
C ILE D 84 -19.39 -6.69 -19.61
N ALA D 85 -18.61 -6.59 -20.69
CA ALA D 85 -18.82 -5.51 -21.68
C ALA D 85 -20.20 -5.65 -22.33
N ARG D 86 -20.66 -6.88 -22.48
CA ARG D 86 -21.97 -7.14 -23.07
C ARG D 86 -23.06 -6.51 -22.18
N GLU D 87 -22.80 -6.58 -20.89
CA GLU D 87 -23.78 -6.34 -19.87
C GLU D 87 -23.76 -4.87 -19.49
N LYS D 88 -22.59 -4.24 -19.56
CA LYS D 88 -22.46 -2.82 -19.23
C LYS D 88 -21.23 -2.25 -19.94
N PRO D 89 -21.43 -1.71 -21.15
CA PRO D 89 -20.28 -1.17 -21.84
C PRO D 89 -19.56 -0.10 -21.01
N ASN D 90 -18.24 -0.08 -21.10
CA ASN D 90 -17.45 0.86 -20.31
C ASN D 90 -17.77 0.75 -18.81
N ALA D 91 -18.05 -0.48 -18.37
CA ALA D 91 -18.16 -0.79 -16.95
C ALA D 91 -16.87 -0.39 -16.24
N LYS D 92 -17.01 0.23 -15.07
CA LYS D 92 -15.87 0.46 -14.19
C LYS D 92 -15.58 -0.83 -13.45
N VAL D 93 -14.34 -1.30 -13.56
CA VAL D 93 -13.97 -2.60 -12.99
C VAL D 93 -12.73 -2.54 -12.07
N PHE D 94 -12.82 -3.19 -10.91
CA PHE D 94 -11.62 -3.55 -10.10
C PHE D 94 -11.36 -5.03 -10.16
N THR D 95 -10.11 -5.42 -10.40
CA THR D 95 -9.74 -6.83 -10.51
C THR D 95 -8.52 -7.20 -9.64
N THR D 96 -8.52 -8.44 -9.14
CA THR D 96 -7.38 -9.01 -8.44
C THR D 96 -6.40 -9.67 -9.40
N GLY D 97 -6.73 -9.67 -10.69
CA GLY D 97 -6.00 -10.46 -11.68
C GLY D 97 -4.75 -9.87 -12.28
N GLU D 98 -4.12 -10.68 -13.13
CA GLU D 98 -2.82 -10.35 -13.70
C GLU D 98 -2.97 -9.47 -14.92
N GLU D 99 -1.83 -9.03 -15.45
CA GLU D 99 -1.81 -8.08 -16.56
C GLU D 99 -2.65 -8.57 -17.75
N GLY D 100 -2.57 -9.86 -18.03
CA GLY D 100 -3.29 -10.43 -19.15
C GLY D 100 -4.78 -10.20 -18.99
N LEU D 101 -5.31 -10.37 -17.77
CA LEU D 101 -6.73 -10.13 -17.54
C LEU D 101 -7.04 -8.65 -17.64
N ILE D 102 -6.16 -7.85 -17.05
CA ILE D 102 -6.32 -6.40 -17.09
C ILE D 102 -6.40 -5.95 -18.58
N GLU D 103 -5.50 -6.50 -19.38
CA GLU D 103 -5.48 -6.25 -20.82
C GLU D 103 -6.83 -6.53 -21.47
N GLU D 104 -7.37 -7.72 -21.20
CA GLU D 104 -8.59 -8.12 -21.87
C GLU D 104 -9.72 -7.19 -21.46
N LEU D 105 -9.75 -6.77 -20.20
CA LEU D 105 -10.79 -5.88 -19.71
C LEU D 105 -10.73 -4.58 -20.49
N ARG D 106 -9.52 -4.06 -20.66
CA ARG D 106 -9.32 -2.81 -21.40
C ARG D 106 -9.72 -2.94 -22.87
N LEU D 107 -9.32 -4.02 -23.53
CA LEU D 107 -9.68 -4.21 -24.93
C LEU D 107 -11.21 -4.28 -25.21
N ALA D 108 -11.99 -4.74 -24.23
CA ALA D 108 -13.44 -4.80 -24.35
C ALA D 108 -14.14 -3.48 -23.93
N GLY D 109 -13.37 -2.42 -23.66
CA GLY D 109 -13.91 -1.08 -23.38
C GLY D 109 -14.12 -0.74 -21.93
N LEU D 110 -13.64 -1.62 -21.05
CA LEU D 110 -13.92 -1.46 -19.65
C LEU D 110 -12.89 -0.52 -18.99
N GLU D 111 -13.30 0.11 -17.89
CA GLU D 111 -12.43 1.01 -17.15
C GLU D 111 -11.88 0.39 -15.86
N ILE D 112 -10.57 0.33 -15.75
CA ILE D 112 -9.92 -0.19 -14.52
C ILE D 112 -9.93 0.91 -13.45
N VAL D 113 -10.67 0.67 -12.37
CA VAL D 113 -10.76 1.65 -11.27
C VAL D 113 -10.44 1.01 -9.94
N ASP D 114 -10.32 1.84 -8.91
CA ASP D 114 -10.08 1.37 -7.56
C ASP D 114 -11.36 0.87 -6.96
N TYR D 115 -11.20 0.10 -5.89
CA TYR D 115 -12.28 -0.65 -5.30
C TYR D 115 -13.50 0.18 -4.94
N ASP D 116 -13.26 1.43 -4.51
CA ASP D 116 -14.29 2.40 -4.08
C ASP D 116 -15.17 2.93 -5.22
N GLU D 117 -14.67 2.84 -6.44
CA GLU D 117 -15.41 3.30 -7.62
C GLU D 117 -15.93 2.18 -8.54
N ALA D 118 -15.49 0.95 -8.32
CA ALA D 118 -15.85 -0.15 -9.22
C ALA D 118 -17.34 -0.42 -9.18
N GLU D 119 -17.86 -0.83 -10.32
CA GLU D 119 -19.22 -1.38 -10.48
C GLU D 119 -19.20 -2.92 -10.54
N TYR D 120 -18.04 -3.47 -10.89
CA TYR D 120 -17.72 -4.89 -10.87
C TYR D 120 -16.44 -5.23 -10.09
N LEU D 121 -16.51 -6.30 -9.32
CA LEU D 121 -15.33 -6.97 -8.81
C LEU D 121 -15.09 -8.16 -9.70
N VAL D 122 -13.90 -8.18 -10.29
CA VAL D 122 -13.48 -9.27 -11.15
C VAL D 122 -12.28 -9.98 -10.53
N VAL D 123 -12.53 -11.22 -10.14
CA VAL D 123 -11.59 -12.00 -9.39
C VAL D 123 -10.95 -12.96 -10.36
N GLY D 124 -9.65 -12.82 -10.52
CA GLY D 124 -8.79 -13.76 -11.20
C GLY D 124 -7.54 -14.06 -10.36
N SER D 125 -6.92 -15.21 -10.63
CA SER D 125 -5.69 -15.58 -9.97
C SER D 125 -4.61 -14.55 -10.19
N ASN D 126 -3.71 -14.45 -9.22
CA ASN D 126 -2.56 -13.55 -9.41
C ASN D 126 -1.32 -14.09 -8.73
N ARG D 127 -0.28 -14.33 -9.52
CA ARG D 127 0.98 -14.78 -8.95
C ARG D 127 1.67 -13.72 -8.10
N LYS D 128 1.22 -12.45 -8.19
CA LYS D 128 1.79 -11.37 -7.38
C LYS D 128 0.73 -10.89 -6.39
N ILE D 129 -0.19 -11.79 -6.03
CA ILE D 129 -1.24 -11.49 -5.08
C ILE D 129 -0.54 -11.10 -3.78
N ASN D 130 -1.16 -10.15 -3.06
CA ASN D 130 -0.62 -9.68 -1.81
C ASN D 130 -1.67 -9.13 -0.88
N PHE D 131 -1.20 -8.67 0.26
CA PHE D 131 -2.11 -8.20 1.28
C PHE D 131 -2.92 -6.98 0.83
N GLU D 132 -2.23 -6.03 0.19
CA GLU D 132 -2.87 -4.82 -0.36
C GLU D 132 -4.01 -5.17 -1.36
N LEU D 133 -3.75 -6.05 -2.32
CA LEU D 133 -4.73 -6.44 -3.29
C LEU D 133 -5.87 -7.15 -2.65
N MSE D 134 -5.58 -7.98 -1.65
CA MSE D 134 -6.66 -8.72 -1.01
C MSE D 134 -7.51 -7.78 -0.17
O MSE D 134 -8.69 -8.05 0.03
CB MSE D 134 -6.12 -9.87 -0.14
CG MSE D 134 -5.56 -11.04 -0.97
SE MSE D 134 -6.99 -11.95 -1.99
CE MSE D 134 -8.34 -11.92 -0.67
N THR D 135 -6.90 -6.74 0.37
CA THR D 135 -7.61 -5.70 1.13
C THR D 135 -8.58 -4.98 0.21
N LYS D 136 -8.12 -4.60 -0.99
CA LYS D 136 -8.96 -3.97 -1.98
C LYS D 136 -10.10 -4.90 -2.40
N ALA D 137 -9.78 -6.16 -2.68
CA ALA D 137 -10.83 -7.12 -3.00
C ALA D 137 -11.86 -7.25 -1.89
N LEU D 138 -11.40 -7.32 -0.67
CA LEU D 138 -12.30 -7.49 0.45
C LEU D 138 -13.27 -6.32 0.47
N ARG D 139 -12.73 -5.12 0.31
CA ARG D 139 -13.56 -3.95 0.41
C ARG D 139 -14.53 -3.83 -0.75
N ALA D 140 -14.11 -4.22 -1.96
CA ALA D 140 -15.04 -4.25 -3.13
C ALA D 140 -16.19 -5.21 -2.85
N CYS D 141 -15.81 -6.39 -2.35
CA CYS D 141 -16.75 -7.43 -2.08
C CYS D 141 -17.79 -6.98 -1.06
N LEU D 142 -17.32 -6.40 0.05
CA LEU D 142 -18.22 -5.95 1.13
C LEU D 142 -19.19 -4.87 0.65
N ARG D 143 -18.81 -4.12 -0.35
CA ARG D 143 -19.68 -3.09 -0.91
C ARG D 143 -20.89 -3.68 -1.55
N GLY D 144 -20.85 -4.97 -1.88
CA GLY D 144 -22.02 -5.64 -2.47
C GLY D 144 -22.10 -5.52 -3.99
N ILE D 145 -21.06 -4.92 -4.60
CA ILE D 145 -21.06 -4.76 -6.06
C ILE D 145 -21.01 -6.13 -6.77
N ARG D 146 -21.43 -6.13 -8.03
CA ARG D 146 -21.48 -7.32 -8.83
C ARG D 146 -20.12 -7.95 -8.91
N TYR D 147 -20.12 -9.26 -8.75
CA TYR D 147 -18.87 -9.97 -8.53
C TYR D 147 -18.81 -11.14 -9.49
N ILE D 148 -17.81 -11.07 -10.37
CA ILE D 148 -17.57 -12.06 -11.41
C ILE D 148 -16.21 -12.70 -11.15
N ALA D 149 -16.15 -14.02 -11.26
CA ALA D 149 -14.89 -14.71 -11.20
C ALA D 149 -14.55 -15.30 -12.56
N THR D 150 -13.28 -15.29 -12.91
CA THR D 150 -12.86 -15.75 -14.21
C THR D 150 -13.03 -17.26 -14.35
N ASN D 151 -12.78 -18.00 -13.26
CA ASN D 151 -12.83 -19.43 -13.29
C ASN D 151 -12.85 -19.94 -11.85
N PRO D 152 -13.40 -21.17 -11.62
CA PRO D 152 -13.51 -21.61 -10.25
C PRO D 152 -12.43 -22.50 -9.73
N ASP D 153 -11.43 -22.88 -10.55
CA ASP D 153 -10.47 -23.90 -10.18
C ASP D 153 -9.71 -23.55 -8.89
N ARG D 154 -9.66 -24.51 -7.99
CA ARG D 154 -9.13 -24.26 -6.69
C ARG D 154 -7.62 -24.48 -6.65
N ILE D 155 -7.18 -25.46 -7.44
CA ILE D 155 -5.81 -25.95 -7.39
C ILE D 155 -5.37 -26.29 -8.81
N PHE D 156 -4.14 -25.96 -9.18
CA PHE D 156 -3.58 -26.43 -10.45
C PHE D 156 -2.40 -27.32 -10.20
N PRO D 157 -2.31 -28.45 -10.93
CA PRO D 157 -1.11 -29.28 -10.81
C PRO D 157 0.02 -28.48 -11.40
N ALA D 158 1.16 -28.41 -10.72
CA ALA D 158 2.39 -27.85 -11.30
C ALA D 158 3.45 -28.92 -11.16
N GLU D 159 4.64 -28.66 -11.71
CA GLU D 159 5.69 -29.67 -11.68
C GLU D 159 6.22 -29.89 -10.27
N ASP D 160 6.54 -28.81 -9.56
CA ASP D 160 6.93 -28.92 -8.14
C ASP D 160 5.79 -29.42 -7.23
N GLY D 161 4.55 -29.33 -7.73
CA GLY D 161 3.37 -29.73 -6.96
C GLY D 161 2.22 -28.76 -7.15
N PRO D 162 1.14 -28.94 -6.37
CA PRO D 162 -0.07 -28.13 -6.39
C PRO D 162 0.21 -26.66 -6.14
N ILE D 163 -0.47 -25.81 -6.91
CA ILE D 163 -0.46 -24.38 -6.63
C ILE D 163 -1.90 -23.86 -6.59
N PRO D 164 -2.13 -22.76 -5.87
CA PRO D 164 -3.47 -22.18 -5.85
C PRO D 164 -3.92 -21.70 -7.23
N GLY D 165 -5.20 -21.88 -7.52
CA GLY D 165 -5.85 -21.23 -8.64
C GLY D 165 -6.78 -20.13 -8.14
N THR D 166 -7.63 -19.68 -9.02
CA THR D 166 -8.51 -18.57 -8.70
C THR D 166 -9.44 -18.88 -7.50
N GLY D 167 -9.80 -20.14 -7.32
CA GLY D 167 -10.58 -20.58 -6.17
C GLY D 167 -10.04 -20.13 -4.82
N MSE D 168 -8.73 -19.97 -4.70
CA MSE D 168 -8.11 -19.48 -3.46
CA MSE D 168 -8.11 -19.47 -3.46
C MSE D 168 -8.75 -18.16 -3.00
O MSE D 168 -9.14 -18.01 -1.84
CB MSE D 168 -6.62 -19.30 -3.66
CB MSE D 168 -6.62 -19.23 -3.66
CG MSE D 168 -5.87 -19.04 -2.39
CG MSE D 168 -5.90 -18.79 -2.39
SE MSE D 168 -5.75 -17.16 -1.96
SE MSE D 168 -4.02 -18.39 -2.62
CE MSE D 168 -4.02 -16.87 -2.86
CE MSE D 168 -4.14 -16.81 -3.73
N ILE D 169 -8.83 -17.22 -3.93
CA ILE D 169 -9.35 -15.89 -3.69
C ILE D 169 -10.85 -15.98 -3.47
N ILE D 170 -11.52 -16.79 -4.27
CA ILE D 170 -12.93 -17.00 -4.12
C ILE D 170 -13.19 -17.52 -2.69
N GLY D 171 -12.35 -18.47 -2.24
CA GLY D 171 -12.53 -19.07 -0.92
C GLY D 171 -12.33 -18.07 0.21
N ALA D 172 -11.28 -17.24 0.06
CA ALA D 172 -10.91 -16.24 1.03
C ALA D 172 -12.04 -15.24 1.15
N LEU D 173 -12.56 -14.74 0.03
CA LEU D 173 -13.66 -13.80 0.06
C LEU D 173 -14.95 -14.36 0.61
N TYR D 174 -15.29 -15.56 0.19
CA TYR D 174 -16.43 -16.24 0.76
C TYR D 174 -16.33 -16.32 2.27
N TRP D 175 -15.21 -16.81 2.78
CA TRP D 175 -15.05 -17.01 4.20
C TRP D 175 -15.18 -15.69 4.97
N MSE D 176 -14.67 -14.60 4.42
CA MSE D 176 -14.64 -13.36 5.14
C MSE D 176 -15.95 -12.64 5.05
O MSE D 176 -16.28 -11.90 5.96
CB MSE D 176 -13.53 -12.45 4.63
CG MSE D 176 -12.19 -12.95 4.92
SE MSE D 176 -10.84 -11.64 4.52
CE MSE D 176 -10.90 -11.82 2.56
N THR D 177 -16.69 -12.82 3.96
CA THR D 177 -17.89 -12.00 3.70
C THR D 177 -19.19 -12.77 3.52
N GLY D 178 -19.13 -14.08 3.31
CA GLY D 178 -20.30 -14.84 2.99
C GLY D 178 -20.70 -14.76 1.52
N ARG D 179 -20.06 -13.92 0.70
CA ARG D 179 -20.39 -13.82 -0.73
C ARG D 179 -19.59 -14.82 -1.59
N GLU D 180 -20.31 -15.56 -2.44
CA GLU D 180 -19.73 -16.29 -3.57
C GLU D 180 -19.87 -15.43 -4.82
N PRO D 181 -19.12 -15.74 -5.88
CA PRO D 181 -19.34 -15.01 -7.13
C PRO D 181 -20.80 -14.97 -7.60
N ASP D 182 -21.23 -13.83 -8.13
CA ASP D 182 -22.56 -13.75 -8.76
C ASP D 182 -22.51 -14.54 -10.06
N VAL D 183 -21.35 -14.57 -10.73
CA VAL D 183 -21.17 -15.29 -12.00
C VAL D 183 -19.77 -15.87 -12.01
N VAL D 184 -19.68 -17.15 -12.33
CA VAL D 184 -18.39 -17.80 -12.61
C VAL D 184 -18.36 -18.04 -14.11
N VAL D 185 -17.34 -17.51 -14.79
CA VAL D 185 -17.27 -17.62 -16.25
C VAL D 185 -16.71 -19.02 -16.71
N GLY D 186 -15.60 -19.44 -16.12
CA GLY D 186 -14.85 -20.58 -16.63
C GLY D 186 -15.58 -21.91 -16.34
N LYS D 187 -15.05 -22.97 -16.94
CA LYS D 187 -15.65 -24.27 -16.86
C LYS D 187 -15.57 -24.77 -15.44
N PRO D 188 -16.61 -25.51 -14.99
CA PRO D 188 -17.68 -26.09 -15.79
C PRO D 188 -18.87 -25.19 -16.01
N SER D 189 -18.76 -23.90 -15.67
CA SER D 189 -19.83 -22.96 -15.95
C SER D 189 -20.21 -22.97 -17.41
N GLU D 190 -21.50 -22.76 -17.65
CA GLU D 190 -21.98 -22.67 -19.01
C GLU D 190 -21.61 -21.35 -19.65
N VAL D 191 -21.15 -20.37 -18.86
CA VAL D 191 -20.90 -19.05 -19.42
C VAL D 191 -19.83 -19.08 -20.52
N ILE D 192 -18.70 -19.67 -20.26
CA ILE D 192 -17.63 -19.69 -21.23
C ILE D 192 -18.02 -20.58 -22.42
N MSE D 193 -18.79 -21.64 -22.15
CA MSE D 193 -19.29 -22.56 -23.20
C MSE D 193 -20.23 -21.91 -24.20
O MSE D 193 -20.15 -22.18 -25.42
CB MSE D 193 -19.97 -23.78 -22.56
CG MSE D 193 -19.02 -24.58 -21.67
SE MSE D 193 -17.25 -25.01 -22.40
CE MSE D 193 -17.83 -26.57 -23.29
N ARG D 194 -21.16 -21.10 -23.70
CA ARG D 194 -22.04 -20.36 -24.57
C ARG D 194 -21.28 -19.40 -25.46
N GLU D 195 -20.27 -18.78 -24.91
CA GLU D 195 -19.37 -17.88 -25.61
CA GLU D 195 -19.42 -17.86 -25.65
C GLU D 195 -18.68 -18.63 -26.74
N ALA D 196 -18.24 -19.85 -26.45
CA ALA D 196 -17.58 -20.69 -27.43
C ALA D 196 -18.54 -21.08 -28.52
N LEU D 197 -19.77 -21.43 -28.15
CA LEU D 197 -20.76 -21.70 -29.16
C LEU D 197 -21.02 -20.42 -30.02
N ASP D 198 -21.09 -19.25 -29.38
CA ASP D 198 -21.26 -17.95 -30.09
C ASP D 198 -20.14 -17.80 -31.14
N ILE D 199 -18.88 -17.81 -30.70
CA ILE D 199 -17.70 -17.77 -31.59
C ILE D 199 -17.80 -18.83 -32.68
N LEU D 200 -17.94 -20.11 -32.33
CA LEU D 200 -18.04 -21.19 -33.37
C LEU D 200 -19.13 -20.93 -34.39
N GLY D 201 -20.15 -20.20 -33.95
CA GLY D 201 -21.35 -20.03 -34.77
C GLY D 201 -22.15 -21.31 -34.88
N LEU D 202 -22.06 -22.20 -33.91
CA LEU D 202 -22.80 -23.46 -33.96
C LEU D 202 -23.67 -23.66 -32.71
N ASP D 203 -24.71 -24.47 -32.86
CA ASP D 203 -25.53 -24.91 -31.74
C ASP D 203 -24.85 -26.12 -31.04
N ALA D 204 -25.19 -26.33 -29.77
CA ALA D 204 -24.54 -27.40 -28.98
C ALA D 204 -24.75 -28.78 -29.58
N LYS D 205 -25.86 -28.92 -30.26
CA LYS D 205 -26.17 -30.20 -30.92
C LYS D 205 -25.14 -30.56 -31.99
N ASP D 206 -24.45 -29.57 -32.54
CA ASP D 206 -23.47 -29.79 -33.60
C ASP D 206 -21.98 -29.77 -33.13
N VAL D 207 -21.78 -29.85 -31.81
CA VAL D 207 -20.41 -29.69 -31.26
C VAL D 207 -20.15 -30.81 -30.26
N ALA D 208 -18.91 -31.28 -30.21
CA ALA D 208 -18.41 -32.12 -29.12
C ALA D 208 -17.45 -31.29 -28.24
N VAL D 209 -17.51 -31.51 -26.94
CA VAL D 209 -16.61 -30.91 -25.99
C VAL D 209 -15.60 -31.97 -25.58
N VAL D 210 -14.35 -31.63 -25.78
CA VAL D 210 -13.27 -32.57 -25.55
C VAL D 210 -12.37 -32.06 -24.45
N GLY D 211 -12.10 -32.90 -23.46
CA GLY D 211 -11.16 -32.55 -22.40
C GLY D 211 -10.62 -33.73 -21.62
N ASP D 212 -9.88 -33.41 -20.57
CA ASP D 212 -9.24 -34.43 -19.74
C ASP D 212 -9.71 -34.55 -18.29
N GLN D 213 -10.71 -33.80 -17.94
CA GLN D 213 -11.27 -33.79 -16.59
C GLN D 213 -12.77 -33.93 -16.64
N ILE D 214 -13.30 -34.88 -15.91
CA ILE D 214 -14.75 -35.07 -15.87
C ILE D 214 -15.48 -33.92 -15.24
N ASP D 215 -15.01 -33.47 -14.09
CA ASP D 215 -15.63 -32.37 -13.35
C ASP D 215 -15.50 -30.98 -13.98
N VAL D 216 -14.58 -30.82 -14.92
CA VAL D 216 -14.44 -29.57 -15.60
C VAL D 216 -14.98 -29.67 -17.04
N ASP D 217 -14.36 -30.52 -17.85
CA ASP D 217 -14.76 -30.60 -19.27
C ASP D 217 -16.06 -31.35 -19.53
N VAL D 218 -16.23 -32.49 -18.92
CA VAL D 218 -17.46 -33.27 -19.16
C VAL D 218 -18.67 -32.54 -18.55
N ALA D 219 -18.54 -32.03 -17.34
CA ALA D 219 -19.65 -31.29 -16.74
C ALA D 219 -19.97 -30.05 -17.58
N ALA D 220 -18.95 -29.38 -18.11
CA ALA D 220 -19.19 -28.23 -19.01
C ALA D 220 -20.01 -28.62 -20.23
N GLY D 221 -19.62 -29.70 -20.90
CA GLY D 221 -20.37 -30.21 -22.05
C GLY D 221 -21.83 -30.54 -21.73
N LYS D 222 -22.04 -31.20 -20.60
CA LYS D 222 -23.43 -31.56 -20.19
C LYS D 222 -24.18 -30.28 -19.95
N ALA D 223 -23.50 -29.25 -19.48
CA ALA D 223 -24.23 -28.04 -19.09
C ALA D 223 -24.78 -27.29 -20.30
N ILE D 224 -24.20 -27.49 -21.49
CA ILE D 224 -24.76 -26.89 -22.73
C ILE D 224 -25.43 -27.85 -23.68
N GLY D 225 -25.49 -29.13 -23.30
CA GLY D 225 -26.05 -30.18 -24.15
C GLY D 225 -25.20 -30.63 -25.32
N ALA D 226 -23.88 -30.58 -25.18
CA ALA D 226 -22.98 -31.01 -26.26
C ALA D 226 -22.48 -32.39 -25.88
N GLU D 227 -22.17 -33.21 -26.86
CA GLU D 227 -21.60 -34.51 -26.60
C GLU D 227 -20.26 -34.34 -25.94
N THR D 228 -19.93 -35.24 -25.03
CA THR D 228 -18.67 -35.12 -24.25
C THR D 228 -17.67 -36.24 -24.56
N VAL D 229 -16.43 -35.84 -24.77
CA VAL D 229 -15.35 -36.78 -25.05
C VAL D 229 -14.30 -36.53 -24.03
N LEU D 230 -13.97 -37.59 -23.29
CA LEU D 230 -12.87 -37.58 -22.34
C LEU D 230 -11.68 -38.25 -22.98
N VAL D 231 -10.55 -37.56 -23.00
CA VAL D 231 -9.32 -38.16 -23.46
C VAL D 231 -8.47 -38.51 -22.23
N LEU D 232 -7.50 -39.40 -22.43
CA LEU D 232 -6.69 -39.95 -21.32
C LEU D 232 -5.22 -39.57 -21.41
N THR D 233 -4.92 -38.49 -22.11
CA THR D 233 -3.55 -37.93 -22.21
C THR D 233 -3.19 -36.98 -21.11
N GLY D 234 -4.11 -36.80 -20.16
CA GLY D 234 -3.95 -35.74 -19.20
C GLY D 234 -4.22 -36.24 -17.80
N VAL D 235 -5.04 -35.50 -17.06
CA VAL D 235 -5.36 -35.77 -15.68
C VAL D 235 -6.00 -37.15 -15.46
N THR D 236 -6.88 -37.55 -16.39
CA THR D 236 -7.59 -38.80 -16.24
C THR D 236 -6.80 -39.86 -17.03
N THR D 237 -6.51 -40.98 -16.39
CA THR D 237 -5.72 -42.03 -17.05
C THR D 237 -6.53 -43.30 -17.13
N ARG D 238 -6.00 -44.30 -17.82
CA ARG D 238 -6.70 -45.56 -17.91
CA ARG D 238 -6.66 -45.60 -17.90
C ARG D 238 -6.80 -46.19 -16.53
N GLU D 239 -5.93 -45.78 -15.59
CA GLU D 239 -5.91 -46.39 -14.27
C GLU D 239 -6.85 -45.76 -13.25
N ASN D 240 -7.00 -44.43 -13.28
CA ASN D 240 -7.88 -43.73 -12.36
C ASN D 240 -9.28 -43.43 -12.94
N LEU D 241 -9.55 -43.87 -14.16
CA LEU D 241 -10.76 -43.48 -14.89
C LEU D 241 -11.99 -43.84 -14.04
N ASP D 242 -12.07 -45.11 -13.66
CA ASP D 242 -13.17 -45.57 -12.80
C ASP D 242 -13.29 -44.76 -11.54
N GLN D 243 -12.15 -44.43 -10.96
CA GLN D 243 -12.11 -43.68 -9.72
C GLN D 243 -12.64 -42.27 -9.95
N MSE D 244 -12.23 -41.67 -11.07
CA MSE D 244 -12.66 -40.34 -11.39
C MSE D 244 -14.16 -40.36 -11.66
O MSE D 244 -14.86 -39.46 -11.23
CB MSE D 244 -11.90 -39.78 -12.59
CG MSE D 244 -10.40 -39.52 -12.34
SE MSE D 244 -10.21 -38.25 -10.95
CE MSE D 244 -10.36 -36.65 -12.01
N ILE D 245 -14.64 -41.37 -12.37
CA ILE D 245 -16.07 -41.50 -12.63
C ILE D 245 -16.84 -41.60 -11.31
N GLU D 246 -16.31 -42.38 -10.37
CA GLU D 246 -16.96 -42.53 -9.08
C GLU D 246 -16.99 -41.23 -8.33
N ARG D 247 -15.84 -40.59 -8.28
CA ARG D 247 -15.65 -39.39 -7.49
C ARG D 247 -16.47 -38.21 -8.02
N HIS D 248 -16.58 -38.09 -9.34
CA HIS D 248 -17.29 -36.95 -9.87
C HIS D 248 -18.73 -37.21 -10.16
N GLY D 249 -19.16 -38.47 -10.14
CA GLY D 249 -20.57 -38.84 -10.24
C GLY D 249 -21.15 -38.54 -11.62
N LEU D 250 -20.35 -38.81 -12.65
CA LEU D 250 -20.59 -38.32 -13.99
C LEU D 250 -19.73 -39.13 -14.96
N LYS D 251 -20.32 -39.55 -16.07
CA LYS D 251 -19.58 -40.27 -17.08
C LYS D 251 -19.60 -39.50 -18.40
N PRO D 252 -18.49 -39.55 -19.18
CA PRO D 252 -18.53 -38.92 -20.52
C PRO D 252 -19.33 -39.75 -21.54
N ASP D 253 -19.71 -39.17 -22.67
CA ASP D 253 -20.31 -39.93 -23.77
C ASP D 253 -19.31 -40.85 -24.44
N TYR D 254 -18.06 -40.39 -24.54
CA TYR D 254 -17.00 -41.18 -25.18
C TYR D 254 -15.70 -41.06 -24.39
N VAL D 255 -14.88 -42.11 -24.41
CA VAL D 255 -13.56 -42.07 -23.85
C VAL D 255 -12.62 -42.53 -24.97
N PHE D 256 -11.55 -41.80 -25.22
CA PHE D 256 -10.50 -42.23 -26.14
C PHE D 256 -9.16 -41.97 -25.47
N ASN D 257 -8.14 -42.72 -25.87
CA ASN D 257 -6.82 -42.52 -25.33
C ASN D 257 -6.32 -41.12 -25.57
N SER D 258 -6.58 -40.60 -26.77
CA SER D 258 -6.04 -39.30 -27.16
C SER D 258 -6.98 -38.69 -28.17
N LEU D 259 -6.78 -37.41 -28.46
CA LEU D 259 -7.58 -36.72 -29.44
C LEU D 259 -7.42 -37.42 -30.80
N LYS D 260 -6.24 -37.92 -31.09
CA LYS D 260 -5.98 -38.61 -32.35
C LYS D 260 -6.82 -39.83 -32.52
N ASP D 261 -6.97 -40.62 -31.46
CA ASP D 261 -7.86 -41.77 -31.50
C ASP D 261 -9.27 -41.35 -31.79
N MSE D 262 -9.73 -40.23 -31.22
CA MSE D 262 -11.08 -39.73 -31.47
C MSE D 262 -11.25 -39.47 -32.96
O MSE D 262 -12.24 -39.90 -33.58
CB MSE D 262 -11.36 -38.42 -30.75
CG MSE D 262 -12.82 -37.99 -30.80
SE MSE D 262 -13.06 -36.12 -30.39
CE MSE D 262 -12.34 -35.41 -32.07
N VAL D 263 -10.28 -38.76 -33.53
CA VAL D 263 -10.34 -38.40 -34.92
C VAL D 263 -10.35 -39.65 -35.80
N GLU D 264 -9.59 -40.67 -35.42
CA GLU D 264 -9.51 -41.92 -36.20
C GLU D 264 -10.81 -42.70 -36.18
N ALA D 265 -11.55 -42.66 -35.06
CA ALA D 265 -12.93 -43.16 -35.04
C ALA D 265 -13.86 -42.40 -35.99
N LEU D 266 -13.57 -41.14 -36.28
CA LEU D 266 -14.28 -40.41 -37.35
C LEU D 266 -13.81 -40.98 -38.71
CA CA E . 21.75 -1.71 3.56
CA CA F . -3.09 37.36 -5.85
C1 EDO G . 19.84 17.26 -3.50
O1 EDO G . 19.36 17.55 -2.15
C2 EDO G . 18.89 16.44 -4.36
O2 EDO G . 19.30 15.08 -4.63
CA CA H . -11.19 -6.21 20.84
CA CA I . -7.42 -29.83 -19.15
#